data_8IRN
#
_entry.id   8IRN
#
_cell.length_a   1.00
_cell.length_b   1.00
_cell.length_c   1.00
_cell.angle_alpha   90.00
_cell.angle_beta   90.00
_cell.angle_gamma   90.00
#
_symmetry.space_group_name_H-M   'P 1'
#
loop_
_entity.id
_entity.type
_entity.pdbx_description
1 polymer 'Adenine/guanine permease AZG1'
2 branched 2-acetamido-2-deoxy-beta-D-glucopyranose-(1-4)-2-acetamido-2-deoxy-beta-D-glucopyranose
3 non-polymer N-BENZYL-9H-PURIN-6-AMINE
4 water water
#
_entity_poly.entity_id   1
_entity_poly.type   'polypeptide(L)'
_entity_poly.pdbx_seq_one_letter_code
;MEQQQQQQLPSTTTRPKPKLLNRLNTYVGSSRVGKRFKLAERNSTFTTELRAGTATFLTMAYILAVNASILSDSGGTCSV
SDCIPLCSNPAIEPSQCTGPGLRLIQPDVSCKFNPVNPGYAACVEEIRKDLIVATVAASLIGCVIMGLMANLPLALAPGM
GTNAYFAYTVVGFHGSGSISYRTALAAVFIEGLIFLFISAIGFRAKLAKLVPKPVRISSSAGIGLFLAFIGLQNNQGIGL
VGYSPSTLVTLAACPASSRISLAPVITSANGTVSLLAGGSVSGDIMCIHGRMESPTFWLGIVGFVIIAYCLVKNVKGAMI
YGIVFVTAVSWFRNTEVTAFPNTSAGDAAHDYFKKIVDVHVIKHTAGALSFSGINKGHFWEALVTFLYVDILDTTGTLYS
MARFAGFVDEKGDFAGQYFAFMSDASAIVIGSLLGTSPVTVFIESSTGIREGGRTGLTAITVAVYFLLAMFFTPLLASIP
AWAVGPPLILVGVMMMKSVTEIDWEDMREAIPAFVTMILMPLTYSVAYGLIGGIGSYVVLHLWDWGEEGLVKLGFLKRKV
KEEDNNNGVVKASEIDTTVSGRDYKDDDDKWSHPQFEKGGGGSGGSAWSHPQFEK
;
_entity_poly.pdbx_strand_id   A,B
#
# COMPACT_ATOMS: atom_id res chain seq x y z
N PRO A 18 -2.25 -47.44 37.16
CA PRO A 18 -2.33 -45.99 37.33
C PRO A 18 -3.25 -45.33 36.29
N LYS A 19 -2.77 -45.27 35.05
CA LYS A 19 -3.54 -44.67 33.96
C LYS A 19 -2.96 -45.17 32.64
N LEU A 20 -3.82 -45.49 31.69
CA LEU A 20 -3.35 -45.99 30.41
C LEU A 20 -2.48 -44.96 29.69
N LEU A 21 -2.86 -43.68 29.76
CA LEU A 21 -2.06 -42.65 29.12
C LEU A 21 -0.66 -42.60 29.72
N ASN A 22 -0.56 -42.65 31.05
CA ASN A 22 0.74 -42.64 31.70
C ASN A 22 1.52 -43.91 31.37
N ARG A 23 0.84 -45.04 31.25
CA ARG A 23 1.53 -46.26 30.87
C ARG A 23 2.13 -46.14 29.48
N LEU A 24 1.36 -45.59 28.54
CA LEU A 24 1.88 -45.37 27.19
C LEU A 24 3.06 -44.41 27.21
N ASN A 25 2.95 -43.33 27.98
CA ASN A 25 4.01 -42.35 28.05
C ASN A 25 5.30 -42.97 28.58
N THR A 26 5.19 -43.74 29.67
CA THR A 26 6.37 -44.39 30.23
C THR A 26 6.95 -45.42 29.26
N TYR A 27 6.08 -46.19 28.60
CA TYR A 27 6.56 -47.21 27.68
C TYR A 27 7.33 -46.59 26.53
N VAL A 28 6.79 -45.52 25.94
CA VAL A 28 7.44 -44.88 24.81
C VAL A 28 8.72 -44.18 25.26
N GLY A 29 8.68 -43.50 26.40
CA GLY A 29 9.84 -42.77 26.87
C GLY A 29 11.03 -43.65 27.14
N SER A 30 10.80 -44.87 27.61
CA SER A 30 11.87 -45.81 27.93
C SER A 30 12.24 -46.72 26.78
N SER A 31 11.62 -46.55 25.62
CA SER A 31 11.90 -47.40 24.46
C SER A 31 13.05 -46.83 23.65
N ARG A 32 13.48 -47.61 22.65
CA ARG A 32 14.60 -47.18 21.81
C ARG A 32 14.25 -45.92 21.04
N VAL A 33 13.02 -45.83 20.53
CA VAL A 33 12.59 -44.63 19.81
C VAL A 33 12.56 -43.44 20.75
N GLY A 34 12.09 -43.64 21.98
CA GLY A 34 12.05 -42.55 22.93
C GLY A 34 13.42 -42.00 23.27
N LYS A 35 14.40 -42.89 23.42
CA LYS A 35 15.78 -42.45 23.61
C LYS A 35 16.32 -41.78 22.36
N ARG A 36 15.93 -42.27 21.18
CA ARG A 36 16.38 -41.65 19.94
C ARG A 36 15.90 -40.21 19.85
N PHE A 37 14.67 -39.94 20.27
CA PHE A 37 14.11 -38.60 20.23
C PHE A 37 14.41 -37.81 21.50
N LYS A 38 15.18 -38.36 22.44
CA LYS A 38 15.55 -37.66 23.66
C LYS A 38 14.32 -37.17 24.42
N LEU A 39 13.35 -38.07 24.58
CA LEU A 39 12.11 -37.71 25.26
C LEU A 39 12.37 -37.35 26.72
N ALA A 40 13.05 -38.23 27.45
CA ALA A 40 13.28 -37.99 28.87
C ALA A 40 14.16 -36.76 29.09
N GLU A 41 15.20 -36.60 28.27
CA GLU A 41 16.11 -35.47 28.44
C GLU A 41 15.41 -34.14 28.27
N ARG A 42 14.25 -34.10 27.62
CA ARG A 42 13.56 -32.87 27.31
C ARG A 42 12.23 -32.72 28.03
N ASN A 43 11.89 -33.65 28.93
CA ASN A 43 10.73 -33.49 29.83
C ASN A 43 9.41 -33.51 29.07
N SER A 44 9.27 -34.46 28.15
CA SER A 44 8.02 -34.69 27.44
C SER A 44 8.15 -36.01 26.69
N THR A 45 7.18 -36.91 26.80
CA THR A 45 7.39 -38.29 26.36
C THR A 45 6.60 -38.66 25.10
N PHE A 46 5.27 -38.74 25.17
CA PHE A 46 4.53 -39.06 23.95
C PHE A 46 3.28 -38.23 23.73
N THR A 47 2.50 -38.03 24.79
CA THR A 47 1.24 -37.33 24.63
C THR A 47 1.45 -35.82 24.51
N THR A 48 2.48 -35.29 25.17
CA THR A 48 2.82 -33.90 24.96
C THR A 48 3.24 -33.65 23.52
N GLU A 49 4.02 -34.57 22.94
CA GLU A 49 4.42 -34.43 21.55
C GLU A 49 3.24 -34.52 20.60
N LEU A 50 2.32 -35.47 20.84
CA LEU A 50 1.13 -35.58 20.00
C LEU A 50 0.27 -34.33 20.10
N ARG A 51 0.08 -33.82 21.32
CA ARG A 51 -0.72 -32.62 21.50
C ARG A 51 -0.07 -31.41 20.84
N ALA A 52 1.25 -31.28 20.96
CA ALA A 52 1.95 -30.18 20.31
C ALA A 52 1.83 -30.28 18.80
N GLY A 53 1.97 -31.48 18.24
CA GLY A 53 1.80 -31.65 16.82
C GLY A 53 0.40 -31.31 16.36
N THR A 54 -0.61 -31.73 17.12
CA THR A 54 -1.98 -31.39 16.79
C THR A 54 -2.21 -29.89 16.82
N ALA A 55 -1.68 -29.22 17.84
CA ALA A 55 -1.85 -27.77 17.93
C ALA A 55 -1.17 -27.06 16.77
N THR A 56 0.05 -27.49 16.42
CA THR A 56 0.76 -26.88 15.30
C THR A 56 0.01 -27.10 13.99
N PHE A 57 -0.51 -28.31 13.78
CA PHE A 57 -1.25 -28.58 12.56
C PHE A 57 -2.54 -27.75 12.50
N LEU A 58 -3.23 -27.61 13.63
CA LEU A 58 -4.42 -26.77 13.63
C LEU A 58 -4.06 -25.33 13.31
N THR A 59 -2.96 -24.83 13.86
CA THR A 59 -2.55 -23.46 13.58
C THR A 59 -2.17 -23.25 12.12
N MET A 60 -1.52 -24.23 11.49
CA MET A 60 -0.97 -24.05 10.15
C MET A 60 -1.76 -24.76 9.06
N ALA A 61 -2.95 -25.28 9.37
CA ALA A 61 -3.73 -25.98 8.36
C ALA A 61 -4.23 -25.08 7.24
N TYR A 62 -4.30 -23.78 7.47
CA TYR A 62 -4.75 -22.88 6.41
C TYR A 62 -3.89 -22.98 5.16
N ILE A 63 -2.63 -23.40 5.32
CA ILE A 63 -1.72 -23.48 4.19
C ILE A 63 -2.26 -24.44 3.14
N LEU A 64 -2.87 -25.55 3.59
CA LEU A 64 -3.35 -26.56 2.66
C LEU A 64 -4.25 -25.96 1.59
N ALA A 65 -5.02 -24.94 1.94
CA ALA A 65 -5.89 -24.26 0.99
C ALA A 65 -5.18 -23.07 0.33
N VAL A 66 -4.53 -22.24 1.14
CA VAL A 66 -4.02 -20.97 0.63
C VAL A 66 -2.89 -21.19 -0.36
N ASN A 67 -1.94 -22.08 -0.04
CA ASN A 67 -0.81 -22.29 -0.93
C ASN A 67 -1.28 -22.85 -2.27
N ALA A 68 -2.20 -23.82 -2.22
CA ALA A 68 -2.71 -24.39 -3.46
C ALA A 68 -3.41 -23.32 -4.30
N SER A 69 -4.23 -22.48 -3.67
CA SER A 69 -4.93 -21.45 -4.43
C SER A 69 -3.94 -20.48 -5.07
N ILE A 70 -2.96 -20.02 -4.28
CA ILE A 70 -2.02 -19.02 -4.78
C ILE A 70 -1.19 -19.59 -5.92
N LEU A 71 -0.71 -20.83 -5.77
CA LEU A 71 0.14 -21.41 -6.80
C LEU A 71 -0.67 -21.80 -8.03
N SER A 72 -1.95 -22.14 -7.87
CA SER A 72 -2.80 -22.37 -9.03
C SER A 72 -3.04 -21.10 -9.80
N ASP A 73 -3.14 -19.96 -9.10
CA ASP A 73 -3.29 -18.69 -9.80
C ASP A 73 -2.11 -18.43 -10.75
N SER A 74 -0.97 -19.08 -10.50
CA SER A 74 0.20 -18.92 -11.35
C SER A 74 0.02 -19.51 -12.74
N GLY A 75 -1.01 -20.34 -12.95
CA GLY A 75 -1.26 -20.95 -14.23
C GLY A 75 -0.70 -22.35 -14.39
N GLY A 76 0.26 -22.75 -13.55
CA GLY A 76 0.76 -24.10 -13.64
C GLY A 76 1.84 -24.26 -14.69
N THR A 77 1.90 -25.47 -15.27
CA THR A 77 2.95 -25.83 -16.21
C THR A 77 2.54 -25.68 -17.67
N CYS A 78 1.24 -25.65 -17.97
CA CYS A 78 0.83 -25.68 -19.36
C CYS A 78 0.82 -24.29 -19.97
N SER A 79 0.84 -24.26 -21.29
CA SER A 79 0.85 -23.05 -22.09
C SER A 79 -0.40 -23.03 -22.96
N VAL A 80 -0.43 -22.12 -23.94
CA VAL A 80 -1.51 -22.07 -24.90
C VAL A 80 -1.75 -23.43 -25.57
N SER A 81 -0.78 -24.36 -25.47
CA SER A 81 -0.94 -25.66 -26.07
C SER A 81 -2.19 -26.39 -25.57
N ASP A 82 -2.64 -26.09 -24.35
CA ASP A 82 -3.83 -26.72 -23.80
C ASP A 82 -5.09 -25.87 -23.99
N CYS A 83 -4.98 -24.73 -24.67
CA CYS A 83 -6.17 -23.96 -25.04
C CYS A 83 -6.82 -24.62 -26.25
N ILE A 84 -8.13 -24.87 -26.15
CA ILE A 84 -8.87 -25.51 -27.22
C ILE A 84 -9.33 -24.46 -28.23
N PRO A 85 -9.38 -24.77 -29.52
CA PRO A 85 -9.94 -23.80 -30.47
C PRO A 85 -11.40 -23.53 -30.17
N LEU A 86 -11.83 -22.29 -30.38
CA LEU A 86 -13.18 -21.85 -30.09
C LEU A 86 -13.89 -21.43 -31.37
N CYS A 87 -15.19 -21.67 -31.41
CA CYS A 87 -15.98 -21.33 -32.57
C CYS A 87 -16.17 -19.82 -32.66
N SER A 88 -16.57 -19.36 -33.85
CA SER A 88 -16.78 -17.93 -34.06
C SER A 88 -17.87 -17.39 -33.16
N ASN A 89 -18.97 -18.15 -33.02
CA ASN A 89 -20.04 -17.79 -32.12
C ASN A 89 -20.07 -18.73 -30.93
N PRO A 90 -20.31 -18.25 -29.72
CA PRO A 90 -20.33 -19.15 -28.55
C PRO A 90 -21.49 -20.13 -28.55
N ALA A 91 -22.57 -19.84 -29.28
CA ALA A 91 -23.74 -20.72 -29.27
C ALA A 91 -23.47 -22.08 -29.89
N ILE A 92 -22.40 -22.21 -30.67
CA ILE A 92 -22.09 -23.46 -31.38
C ILE A 92 -20.82 -24.05 -30.76
N GLU A 93 -20.92 -25.29 -30.32
CA GLU A 93 -19.77 -25.99 -29.79
C GLU A 93 -18.78 -26.27 -30.93
N PRO A 94 -17.47 -26.28 -30.65
CA PRO A 94 -16.49 -26.44 -31.73
C PRO A 94 -16.73 -27.66 -32.61
N SER A 95 -17.18 -28.78 -32.02
CA SER A 95 -17.46 -29.96 -32.83
C SER A 95 -18.55 -29.70 -33.86
N GLN A 96 -19.47 -28.77 -33.58
CA GLN A 96 -20.53 -28.40 -34.50
C GLN A 96 -20.19 -27.12 -35.26
N CYS A 97 -18.95 -26.63 -35.14
CA CYS A 97 -18.54 -25.38 -35.77
C CYS A 97 -18.17 -25.60 -37.24
N THR A 98 -19.18 -25.97 -38.02
CA THR A 98 -19.02 -26.19 -39.45
C THR A 98 -20.24 -25.62 -40.16
N GLY A 99 -20.04 -24.55 -40.93
CA GLY A 99 -21.11 -23.92 -41.66
C GLY A 99 -20.65 -22.67 -42.39
N PRO A 100 -21.58 -22.02 -43.09
CA PRO A 100 -21.21 -20.80 -43.82
C PRO A 100 -20.76 -19.70 -42.88
N GLY A 101 -19.68 -19.01 -43.26
CA GLY A 101 -19.17 -17.93 -42.44
C GLY A 101 -18.84 -18.32 -41.02
N LEU A 102 -18.51 -19.59 -40.79
CA LEU A 102 -18.27 -20.12 -39.46
C LEU A 102 -16.91 -20.81 -39.45
N ARG A 103 -16.08 -20.49 -38.48
CA ARG A 103 -14.71 -20.97 -38.44
C ARG A 103 -14.25 -21.14 -37.00
N LEU A 104 -13.22 -21.96 -36.80
CA LEU A 104 -12.59 -22.11 -35.50
C LEU A 104 -11.46 -21.11 -35.33
N ILE A 105 -11.34 -20.56 -34.12
CA ILE A 105 -10.33 -19.57 -33.80
C ILE A 105 -9.15 -20.28 -33.15
N GLN A 106 -7.97 -20.16 -33.75
CA GLN A 106 -6.80 -20.80 -33.18
C GLN A 106 -6.37 -20.06 -31.91
N PRO A 107 -6.14 -20.77 -30.81
CA PRO A 107 -5.79 -20.08 -29.56
C PRO A 107 -4.44 -19.40 -29.64
N ASP A 108 -4.32 -18.29 -28.92
CA ASP A 108 -3.08 -17.53 -28.82
C ASP A 108 -2.79 -17.27 -27.34
N VAL A 109 -1.82 -16.40 -27.08
CA VAL A 109 -1.47 -16.08 -25.69
C VAL A 109 -2.68 -15.54 -24.95
N SER A 110 -3.50 -14.72 -25.62
CA SER A 110 -4.66 -14.14 -24.97
C SER A 110 -5.64 -15.20 -24.49
N CYS A 111 -5.53 -16.44 -24.99
CA CYS A 111 -6.38 -17.51 -24.50
C CYS A 111 -6.20 -17.74 -23.01
N LYS A 112 -5.03 -17.38 -22.46
CA LYS A 112 -4.77 -17.60 -21.04
C LYS A 112 -5.46 -16.61 -20.14
N PHE A 113 -5.89 -15.46 -20.67
CA PHE A 113 -6.45 -14.38 -19.88
C PHE A 113 -7.90 -14.13 -20.29
N ASN A 114 -8.52 -13.16 -19.63
CA ASN A 114 -9.95 -12.95 -19.77
C ASN A 114 -10.29 -12.63 -21.22
N PRO A 115 -11.23 -13.36 -21.86
CA PRO A 115 -11.94 -14.53 -21.32
C PRO A 115 -11.09 -15.79 -21.37
N VAL A 116 -10.93 -16.45 -20.23
CA VAL A 116 -10.02 -17.58 -20.14
C VAL A 116 -10.56 -18.74 -20.98
N ASN A 117 -9.70 -19.32 -21.80
CA ASN A 117 -10.10 -20.43 -22.64
C ASN A 117 -10.50 -21.62 -21.76
N PRO A 118 -11.56 -22.35 -22.10
CA PRO A 118 -11.95 -23.49 -21.26
C PRO A 118 -10.83 -24.50 -21.07
N GLY A 119 -10.00 -24.73 -22.09
CA GLY A 119 -8.89 -25.65 -21.93
C GLY A 119 -7.89 -25.18 -20.87
N TYR A 120 -7.63 -23.87 -20.84
CA TYR A 120 -6.73 -23.35 -19.82
C TYR A 120 -7.36 -23.40 -18.44
N ALA A 121 -8.68 -23.26 -18.35
CA ALA A 121 -9.34 -23.46 -17.07
C ALA A 121 -9.21 -24.90 -16.61
N ALA A 122 -9.35 -25.85 -17.53
CA ALA A 122 -9.12 -27.25 -17.19
C ALA A 122 -7.70 -27.49 -16.70
N CYS A 123 -6.71 -26.92 -17.40
CA CYS A 123 -5.38 -26.84 -16.82
C CYS A 123 -5.44 -26.39 -15.38
N VAL A 124 -5.87 -25.15 -15.15
CA VAL A 124 -5.73 -24.55 -13.83
C VAL A 124 -6.35 -25.44 -12.77
N GLU A 125 -7.46 -26.12 -13.09
CA GLU A 125 -8.07 -27.01 -12.10
C GLU A 125 -7.19 -28.23 -11.84
N GLU A 126 -6.70 -28.88 -12.89
CA GLU A 126 -5.84 -30.04 -12.68
C GLU A 126 -4.56 -29.64 -11.94
N ILE A 127 -4.00 -28.49 -12.29
CA ILE A 127 -2.80 -28.00 -11.63
C ILE A 127 -3.10 -27.64 -10.18
N ARG A 128 -4.32 -27.19 -9.88
CA ARG A 128 -4.66 -26.92 -8.49
C ARG A 128 -4.72 -28.22 -7.68
N LYS A 129 -5.28 -29.28 -8.26
CA LYS A 129 -5.24 -30.57 -7.57
C LYS A 129 -3.79 -31.02 -7.36
N ASP A 130 -2.97 -30.90 -8.41
CA ASP A 130 -1.58 -31.28 -8.32
C ASP A 130 -0.85 -30.48 -7.25
N LEU A 131 -1.15 -29.19 -7.15
CA LEU A 131 -0.46 -28.33 -6.19
C LEU A 131 -0.97 -28.55 -4.77
N ILE A 132 -2.23 -28.94 -4.60
CA ILE A 132 -2.68 -29.37 -3.28
C ILE A 132 -1.87 -30.58 -2.83
N VAL A 133 -1.77 -31.59 -3.70
CA VAL A 133 -1.03 -32.79 -3.33
C VAL A 133 0.44 -32.45 -3.11
N ALA A 134 0.99 -31.56 -3.93
CA ALA A 134 2.39 -31.19 -3.80
C ALA A 134 2.65 -30.44 -2.50
N THR A 135 1.75 -29.53 -2.13
CA THR A 135 1.87 -28.84 -0.85
C THR A 135 1.86 -29.85 0.29
N VAL A 136 0.92 -30.78 0.28
CA VAL A 136 0.83 -31.75 1.37
C VAL A 136 2.09 -32.60 1.42
N ALA A 137 2.55 -33.08 0.26
CA ALA A 137 3.72 -33.94 0.22
C ALA A 137 4.98 -33.21 0.66
N ALA A 138 5.16 -31.97 0.19
CA ALA A 138 6.34 -31.20 0.56
C ALA A 138 6.34 -30.90 2.06
N SER A 139 5.18 -30.52 2.61
CA SER A 139 5.10 -30.30 4.05
C SER A 139 5.41 -31.58 4.82
N LEU A 140 4.85 -32.70 4.38
CA LEU A 140 5.10 -33.96 5.06
C LEU A 140 6.58 -34.32 5.04
N ILE A 141 7.20 -34.21 3.86
CA ILE A 141 8.61 -34.59 3.74
C ILE A 141 9.49 -33.66 4.56
N GLY A 142 9.24 -32.36 4.51
CA GLY A 142 10.03 -31.44 5.31
C GLY A 142 9.87 -31.68 6.79
N CYS A 143 8.64 -31.92 7.24
CA CYS A 143 8.42 -32.20 8.66
C CYS A 143 9.12 -33.47 9.09
N VAL A 144 9.05 -34.53 8.27
CA VAL A 144 9.73 -35.78 8.61
C VAL A 144 11.24 -35.56 8.67
N ILE A 145 11.79 -34.85 7.69
CA ILE A 145 13.23 -34.63 7.66
C ILE A 145 13.67 -33.84 8.89
N MET A 146 12.93 -32.79 9.24
CA MET A 146 13.30 -32.00 10.41
C MET A 146 13.15 -32.81 11.69
N GLY A 147 12.08 -33.60 11.81
CA GLY A 147 11.89 -34.39 13.01
C GLY A 147 12.93 -35.48 13.18
N LEU A 148 13.40 -36.07 12.09
CA LEU A 148 14.36 -37.16 12.19
C LEU A 148 15.80 -36.65 12.23
N MET A 149 16.24 -35.93 11.22
CA MET A 149 17.63 -35.51 11.14
C MET A 149 17.96 -34.40 12.11
N ALA A 150 17.09 -33.40 12.25
CA ALA A 150 17.32 -32.30 13.17
C ALA A 150 16.77 -32.53 14.57
N ASN A 151 15.72 -33.32 14.71
CA ASN A 151 15.11 -33.64 16.01
C ASN A 151 14.67 -32.36 16.72
N LEU A 152 13.81 -31.60 16.04
CA LEU A 152 13.24 -30.39 16.59
C LEU A 152 11.74 -30.38 16.39
N PRO A 153 10.98 -29.72 17.28
CA PRO A 153 9.52 -29.66 17.17
C PRO A 153 9.03 -28.59 16.20
N LEU A 154 9.58 -28.57 15.00
CA LEU A 154 9.29 -27.56 13.99
C LEU A 154 8.51 -28.18 12.85
N ALA A 155 7.57 -27.41 12.30
CA ALA A 155 6.76 -27.84 11.17
C ALA A 155 7.18 -27.04 9.93
N LEU A 156 7.39 -27.75 8.83
CA LEU A 156 7.81 -27.14 7.57
C LEU A 156 6.68 -27.24 6.55
N ALA A 157 6.45 -26.16 5.82
CA ALA A 157 5.43 -26.14 4.79
C ALA A 157 5.74 -25.01 3.82
N PRO A 158 5.12 -25.02 2.63
CA PRO A 158 5.41 -23.97 1.64
C PRO A 158 5.32 -22.57 2.22
N GLY A 159 6.34 -21.77 1.98
CA GLY A 159 6.40 -20.43 2.54
C GLY A 159 5.25 -19.55 2.11
N MET A 160 4.49 -19.07 3.10
CA MET A 160 3.37 -18.18 2.83
C MET A 160 3.84 -16.91 2.12
N GLY A 161 4.90 -16.28 2.62
CA GLY A 161 5.39 -15.07 2.00
C GLY A 161 5.90 -15.30 0.59
N THR A 162 6.72 -16.34 0.41
CA THR A 162 7.27 -16.63 -0.90
C THR A 162 6.22 -17.19 -1.86
N ASN A 163 5.09 -17.66 -1.34
CA ASN A 163 4.04 -18.21 -2.19
C ASN A 163 3.55 -17.18 -3.20
N ALA A 164 3.15 -16.02 -2.70
CA ALA A 164 2.61 -14.99 -3.58
C ALA A 164 3.69 -14.43 -4.50
N TYR A 165 4.91 -14.29 -4.01
CA TYR A 165 5.99 -13.81 -4.87
C TYR A 165 6.22 -14.78 -6.02
N PHE A 166 6.23 -16.08 -5.73
CA PHE A 166 6.41 -17.08 -6.78
C PHE A 166 5.26 -17.03 -7.78
N ALA A 167 4.02 -16.92 -7.28
CA ALA A 167 2.87 -17.07 -8.16
C ALA A 167 2.61 -15.81 -8.99
N TYR A 168 2.60 -14.64 -8.36
CA TYR A 168 2.16 -13.42 -9.02
C TYR A 168 3.29 -12.54 -9.53
N THR A 169 4.53 -12.76 -9.09
CA THR A 169 5.65 -11.92 -9.50
C THR A 169 6.65 -12.67 -10.37
N VAL A 170 7.19 -13.79 -9.86
CA VAL A 170 8.16 -14.54 -10.65
C VAL A 170 7.50 -15.12 -11.89
N VAL A 171 6.37 -15.79 -11.71
CA VAL A 171 5.64 -16.41 -12.81
C VAL A 171 4.53 -15.51 -13.33
N GLY A 172 3.82 -14.85 -12.43
CA GLY A 172 2.71 -14.00 -12.85
C GLY A 172 1.41 -14.77 -12.99
N PHE A 173 0.31 -14.04 -12.95
CA PHE A 173 -1.00 -14.65 -13.06
C PHE A 173 -1.13 -15.34 -14.41
N HIS A 174 -1.44 -16.63 -14.39
CA HIS A 174 -1.59 -17.43 -15.61
C HIS A 174 -0.35 -17.31 -16.51
N GLY A 175 0.82 -17.33 -15.87
CA GLY A 175 2.07 -17.29 -16.60
C GLY A 175 2.28 -16.01 -17.37
N SER A 176 1.93 -14.87 -16.80
CA SER A 176 2.12 -13.58 -17.44
C SER A 176 3.42 -12.90 -17.02
N GLY A 177 4.23 -13.56 -16.19
CA GLY A 177 5.48 -12.99 -15.74
C GLY A 177 6.60 -13.21 -16.74
N SER A 178 7.80 -12.77 -16.35
CA SER A 178 8.97 -12.87 -17.21
C SER A 178 9.64 -14.25 -17.13
N ILE A 179 9.26 -15.07 -16.16
CA ILE A 179 9.86 -16.39 -15.97
C ILE A 179 8.74 -17.42 -15.98
N SER A 180 8.95 -18.51 -16.73
CA SER A 180 7.95 -19.55 -16.81
C SER A 180 7.90 -20.34 -15.50
N TYR A 181 6.82 -21.10 -15.33
CA TYR A 181 6.64 -21.86 -14.10
C TYR A 181 7.74 -22.89 -13.91
N ARG A 182 8.09 -23.62 -14.98
CA ARG A 182 9.18 -24.59 -14.88
C ARG A 182 10.50 -23.93 -14.55
N THR A 183 10.78 -22.78 -15.18
CA THR A 183 12.01 -22.06 -14.87
C THR A 183 12.00 -21.54 -13.44
N ALA A 184 10.83 -21.10 -12.94
CA ALA A 184 10.73 -20.69 -11.55
C ALA A 184 10.98 -21.86 -10.60
N LEU A 185 10.48 -23.05 -10.95
CA LEU A 185 10.77 -24.24 -10.14
C LEU A 185 12.26 -24.53 -10.14
N ALA A 186 12.92 -24.40 -11.29
CA ALA A 186 14.36 -24.59 -11.35
C ALA A 186 15.08 -23.56 -10.49
N ALA A 187 14.59 -22.32 -10.50
CA ALA A 187 15.17 -21.28 -9.64
C ALA A 187 15.05 -21.66 -8.17
N VAL A 188 13.88 -22.16 -7.77
CA VAL A 188 13.69 -22.57 -6.38
C VAL A 188 14.60 -23.75 -6.04
N PHE A 189 14.76 -24.68 -6.97
CA PHE A 189 15.64 -25.82 -6.75
C PHE A 189 17.08 -25.37 -6.53
N ILE A 190 17.58 -24.50 -7.41
CA ILE A 190 18.96 -24.04 -7.28
C ILE A 190 19.12 -23.18 -6.03
N GLU A 191 18.10 -22.40 -5.67
CA GLU A 191 18.16 -21.61 -4.46
C GLU A 191 18.24 -22.52 -3.23
N GLY A 192 17.47 -23.60 -3.21
CA GLY A 192 17.57 -24.55 -2.13
C GLY A 192 18.94 -25.20 -2.05
N LEU A 193 19.51 -25.55 -3.20
CA LEU A 193 20.86 -26.11 -3.21
C LEU A 193 21.88 -25.11 -2.66
N ILE A 194 21.78 -23.85 -3.07
CA ILE A 194 22.72 -22.84 -2.59
C ILE A 194 22.55 -22.63 -1.10
N PHE A 195 21.30 -22.59 -0.62
CA PHE A 195 21.06 -22.43 0.81
C PHE A 195 21.65 -23.59 1.59
N LEU A 196 21.46 -24.82 1.09
CA LEU A 196 22.06 -25.98 1.73
C LEU A 196 23.57 -25.86 1.79
N PHE A 197 24.19 -25.45 0.68
CA PHE A 197 25.64 -25.34 0.65
C PHE A 197 26.15 -24.31 1.65
N ILE A 198 25.57 -23.11 1.64
CA ILE A 198 26.06 -22.06 2.51
C ILE A 198 25.79 -22.39 3.97
N SER A 199 24.69 -23.08 4.26
CA SER A 199 24.46 -23.55 5.62
C SER A 199 25.49 -24.58 6.03
N ALA A 200 25.83 -25.50 5.12
CA ALA A 200 26.80 -26.54 5.41
C ALA A 200 28.19 -25.97 5.69
N ILE A 201 28.63 -24.96 4.93
CA ILE A 201 29.96 -24.40 5.12
C ILE A 201 29.97 -23.29 6.17
N GLY A 202 28.89 -23.13 6.92
CA GLY A 202 28.84 -22.11 7.95
C GLY A 202 28.94 -20.70 7.43
N PHE A 203 28.64 -20.49 6.15
CA PHE A 203 28.82 -19.22 5.47
C PHE A 203 27.50 -18.46 5.34
N ARG A 204 26.44 -18.95 6.00
CA ARG A 204 25.12 -18.32 5.93
C ARG A 204 25.05 -17.04 6.76
N ALA A 205 25.67 -17.03 7.94
CA ALA A 205 25.56 -15.87 8.80
C ALA A 205 26.16 -14.62 8.15
N LYS A 206 27.21 -14.79 7.36
CA LYS A 206 27.80 -13.64 6.68
C LYS A 206 26.82 -13.01 5.70
N LEU A 207 26.12 -13.83 4.91
CA LEU A 207 25.08 -13.29 4.04
C LEU A 207 23.94 -12.67 4.82
N ALA A 208 23.55 -13.29 5.94
CA ALA A 208 22.51 -12.69 6.76
C ALA A 208 22.93 -11.30 7.23
N LYS A 209 24.19 -11.15 7.60
CA LYS A 209 24.73 -9.84 7.98
C LYS A 209 24.90 -8.90 6.79
N LEU A 210 24.96 -9.44 5.57
CA LEU A 210 25.17 -8.59 4.40
C LEU A 210 24.03 -7.60 4.22
N VAL A 211 22.79 -8.04 4.41
CA VAL A 211 21.63 -7.18 4.15
C VAL A 211 21.62 -6.04 5.16
N PRO A 212 21.24 -4.83 4.78
CA PRO A 212 21.13 -3.75 5.76
C PRO A 212 20.06 -4.03 6.80
N LYS A 213 20.27 -3.49 8.00
CA LYS A 213 19.32 -3.72 9.09
C LYS A 213 17.92 -3.23 8.78
N PRO A 214 17.70 -1.97 8.38
CA PRO A 214 16.33 -1.53 8.11
C PRO A 214 15.66 -2.33 7.01
N VAL A 215 16.41 -2.72 5.97
CA VAL A 215 15.81 -3.49 4.89
C VAL A 215 15.36 -4.85 5.38
N ARG A 216 16.20 -5.54 6.16
CA ARG A 216 15.82 -6.86 6.62
C ARG A 216 14.66 -6.78 7.61
N ILE A 217 14.62 -5.72 8.42
CA ILE A 217 13.55 -5.59 9.40
C ILE A 217 12.23 -5.28 8.70
N SER A 218 12.26 -4.43 7.67
CA SER A 218 11.04 -3.98 7.02
C SER A 218 10.61 -4.88 5.87
N SER A 219 11.43 -5.84 5.45
CA SER A 219 11.01 -6.75 4.39
C SER A 219 9.82 -7.58 4.80
N SER A 220 9.78 -8.02 6.05
CA SER A 220 8.63 -8.78 6.53
C SER A 220 7.36 -7.95 6.48
N ALA A 221 7.42 -6.70 6.91
CA ALA A 221 6.25 -5.83 6.85
C ALA A 221 5.83 -5.56 5.42
N GLY A 222 6.79 -5.37 4.52
CA GLY A 222 6.45 -5.20 3.12
C GLY A 222 5.76 -6.41 2.54
N ILE A 223 6.24 -7.60 2.87
CA ILE A 223 5.61 -8.83 2.40
C ILE A 223 4.22 -8.98 3.00
N GLY A 224 4.05 -8.56 4.25
CA GLY A 224 2.73 -8.60 4.85
C GLY A 224 1.75 -7.68 4.14
N LEU A 225 2.20 -6.47 3.80
CA LEU A 225 1.36 -5.57 3.02
C LEU A 225 1.06 -6.15 1.65
N PHE A 226 2.05 -6.80 1.03
CA PHE A 226 1.84 -7.44 -0.25
C PHE A 226 0.76 -8.51 -0.17
N LEU A 227 0.84 -9.36 0.86
CA LEU A 227 -0.16 -10.41 1.03
C LEU A 227 -1.54 -9.83 1.31
N ALA A 228 -1.61 -8.78 2.15
CA ALA A 228 -2.90 -8.16 2.43
C ALA A 228 -3.50 -7.55 1.18
N PHE A 229 -2.67 -6.91 0.35
CA PHE A 229 -3.16 -6.36 -0.91
C PHE A 229 -3.68 -7.47 -1.80
N ILE A 230 -2.96 -8.59 -1.87
CA ILE A 230 -3.45 -9.74 -2.63
C ILE A 230 -4.81 -10.18 -2.11
N GLY A 231 -4.98 -10.19 -0.79
CA GLY A 231 -6.24 -10.60 -0.21
C GLY A 231 -7.38 -9.64 -0.45
N LEU A 232 -7.09 -8.43 -0.91
CA LEU A 232 -8.10 -7.44 -1.21
C LEU A 232 -8.35 -7.29 -2.71
N GLN A 233 -7.83 -8.20 -3.53
CA GLN A 233 -8.07 -8.18 -4.96
C GLN A 233 -9.26 -9.09 -5.28
N ASN A 234 -9.51 -9.33 -6.57
CA ASN A 234 -10.68 -10.08 -6.99
C ASN A 234 -10.36 -11.55 -7.27
N ASN A 235 -9.43 -11.80 -8.19
CA ASN A 235 -9.04 -13.18 -8.49
C ASN A 235 -8.17 -13.79 -7.40
N GLN A 236 -7.94 -13.06 -6.31
CA GLN A 236 -7.01 -13.47 -5.27
C GLN A 236 -7.63 -13.47 -3.88
N GLY A 237 -8.53 -12.54 -3.59
CA GLY A 237 -9.12 -12.44 -2.26
C GLY A 237 -10.58 -12.06 -2.28
N ILE A 238 -10.97 -11.11 -1.42
CA ILE A 238 -12.37 -10.77 -1.22
C ILE A 238 -12.82 -9.58 -2.07
N GLY A 239 -11.95 -9.04 -2.91
CA GLY A 239 -12.27 -7.79 -3.58
C GLY A 239 -12.00 -6.61 -2.67
N LEU A 240 -12.85 -5.59 -2.78
CA LEU A 240 -12.79 -4.32 -2.07
C LEU A 240 -11.71 -3.41 -2.62
N VAL A 241 -10.87 -3.88 -3.55
CA VAL A 241 -9.93 -3.02 -4.25
C VAL A 241 -10.05 -3.33 -5.74
N GLY A 242 -10.37 -2.30 -6.52
CA GLY A 242 -10.58 -2.48 -7.94
C GLY A 242 -9.83 -1.46 -8.76
N TYR A 243 -10.16 -1.35 -10.04
CA TYR A 243 -9.48 -0.42 -10.92
C TYR A 243 -10.17 0.93 -10.92
N SER A 244 -9.38 1.98 -11.13
CA SER A 244 -9.89 3.33 -11.23
C SER A 244 -9.12 4.05 -12.34
N PRO A 245 -9.80 4.65 -13.31
CA PRO A 245 -9.07 5.33 -14.39
C PRO A 245 -8.18 6.46 -13.89
N SER A 246 -8.61 7.19 -12.87
CA SER A 246 -7.87 8.34 -12.39
C SER A 246 -6.88 8.00 -11.28
N THR A 247 -7.26 7.10 -10.39
CA THR A 247 -6.46 6.80 -9.20
C THR A 247 -5.83 5.41 -9.22
N LEU A 248 -6.24 4.55 -10.14
CA LEU A 248 -5.66 3.23 -10.33
C LEU A 248 -6.09 2.23 -9.25
N VAL A 249 -6.73 2.71 -8.18
CA VAL A 249 -7.29 1.85 -7.14
C VAL A 249 -8.38 2.61 -6.40
N THR A 250 -9.53 1.98 -6.23
CA THR A 250 -10.63 2.54 -5.44
C THR A 250 -11.39 1.40 -4.80
N LEU A 251 -12.60 1.69 -4.32
CA LEU A 251 -13.39 0.73 -3.57
C LEU A 251 -14.11 -0.21 -4.53
N ALA A 252 -13.71 -1.48 -4.52
CA ALA A 252 -14.36 -2.56 -5.25
C ALA A 252 -15.40 -3.23 -4.36
N ALA A 253 -15.70 -4.50 -4.64
CA ALA A 253 -16.71 -5.26 -3.93
C ALA A 253 -18.11 -4.95 -4.44
N CYS A 254 -18.21 -4.61 -5.71
CA CYS A 254 -19.48 -4.68 -6.40
C CYS A 254 -19.72 -6.10 -6.90
N PRO A 255 -20.97 -6.47 -7.14
CA PRO A 255 -21.24 -7.83 -7.63
C PRO A 255 -20.52 -8.11 -8.94
N ALA A 256 -20.18 -9.38 -9.14
CA ALA A 256 -19.42 -9.75 -10.33
C ALA A 256 -20.15 -9.40 -11.62
N SER A 257 -21.47 -9.24 -11.57
CA SER A 257 -22.22 -8.82 -12.74
C SER A 257 -22.04 -7.35 -13.08
N SER A 258 -21.49 -6.56 -12.16
CA SER A 258 -21.24 -5.14 -12.38
C SER A 258 -19.75 -4.82 -12.50
N ARG A 259 -18.95 -5.81 -12.86
CA ARG A 259 -17.52 -5.63 -13.09
C ARG A 259 -17.21 -5.83 -14.56
N ILE A 260 -16.37 -4.96 -15.12
CA ILE A 260 -16.05 -4.99 -16.54
C ILE A 260 -14.53 -4.93 -16.71
N SER A 261 -14.07 -5.38 -17.87
CA SER A 261 -12.65 -5.48 -18.17
C SER A 261 -12.16 -4.22 -18.86
N LEU A 262 -10.86 -4.21 -19.16
CA LEU A 262 -10.19 -3.06 -19.76
C LEU A 262 -9.32 -3.55 -20.92
N ALA A 263 -9.09 -2.66 -21.87
CA ALA A 263 -8.20 -2.92 -22.98
C ALA A 263 -7.44 -1.66 -23.33
N PRO A 264 -6.18 -1.76 -23.72
CA PRO A 264 -5.43 -0.57 -24.15
C PRO A 264 -6.07 0.07 -25.38
N VAL A 265 -6.00 1.40 -25.43
CA VAL A 265 -6.58 2.18 -26.51
C VAL A 265 -5.59 3.28 -26.92
N ILE A 266 -5.87 3.91 -28.04
CA ILE A 266 -5.05 4.99 -28.58
C ILE A 266 -5.87 6.27 -28.56
N THR A 267 -5.39 7.27 -27.82
CA THR A 267 -6.06 8.56 -27.76
C THR A 267 -5.56 9.44 -28.91
N SER A 268 -6.11 10.65 -29.02
CA SER A 268 -5.72 11.58 -30.07
C SER A 268 -6.04 12.99 -29.59
N ALA A 269 -5.98 13.95 -30.51
CA ALA A 269 -6.17 15.36 -30.18
C ALA A 269 -7.60 15.84 -30.39
N ASN A 270 -8.53 14.93 -30.75
CA ASN A 270 -9.94 15.26 -30.82
C ASN A 270 -10.79 14.49 -29.83
N GLY A 271 -10.49 13.21 -29.58
CA GLY A 271 -11.25 12.43 -28.62
C GLY A 271 -11.49 11.00 -29.07
N THR A 272 -11.18 10.70 -30.33
CA THR A 272 -11.38 9.34 -30.82
C THR A 272 -10.48 8.37 -30.06
N VAL A 273 -11.03 7.21 -29.71
CA VAL A 273 -10.29 6.16 -29.04
C VAL A 273 -10.70 4.83 -29.66
N SER A 274 -9.71 3.99 -29.97
CA SER A 274 -9.97 2.70 -30.59
C SER A 274 -9.10 1.64 -29.93
N LEU A 275 -9.56 0.40 -30.03
CA LEU A 275 -8.85 -0.71 -29.41
C LEU A 275 -7.46 -0.88 -29.99
N LEU A 276 -6.54 -1.37 -29.17
CA LEU A 276 -5.19 -1.69 -29.60
C LEU A 276 -5.10 -3.19 -29.87
N ALA A 277 -4.80 -3.55 -31.11
CA ALA A 277 -4.73 -4.95 -31.48
C ALA A 277 -3.67 -5.67 -30.65
N GLY A 278 -4.03 -6.85 -30.14
CA GLY A 278 -3.13 -7.62 -29.32
C GLY A 278 -3.05 -7.18 -27.87
N GLY A 279 -3.84 -6.18 -27.47
CA GLY A 279 -3.78 -5.71 -26.10
C GLY A 279 -4.14 -6.81 -25.11
N SER A 280 -3.45 -6.77 -23.97
CA SER A 280 -3.67 -7.76 -22.92
C SER A 280 -4.86 -7.32 -22.08
N VAL A 281 -6.04 -7.86 -22.40
CA VAL A 281 -7.23 -7.51 -21.65
C VAL A 281 -7.10 -8.00 -20.21
N SER A 282 -7.70 -7.25 -19.30
CA SER A 282 -7.64 -7.55 -17.88
C SER A 282 -8.88 -8.34 -17.46
N GLY A 283 -8.88 -8.77 -16.19
CA GLY A 283 -10.05 -9.40 -15.62
C GLY A 283 -11.11 -8.37 -15.29
N ASP A 284 -12.23 -8.87 -14.77
CA ASP A 284 -13.33 -7.99 -14.40
C ASP A 284 -12.97 -7.24 -13.13
N ILE A 285 -12.27 -6.13 -13.28
CA ILE A 285 -11.72 -5.40 -12.13
C ILE A 285 -12.37 -4.03 -11.93
N MET A 286 -13.03 -3.47 -12.94
CA MET A 286 -13.60 -2.14 -12.85
C MET A 286 -15.07 -2.26 -12.48
N CYS A 287 -15.46 -1.65 -11.36
CA CYS A 287 -16.85 -1.65 -10.92
C CYS A 287 -17.58 -0.47 -11.56
N ILE A 288 -18.67 -0.76 -12.25
CA ILE A 288 -19.47 0.30 -12.86
C ILE A 288 -20.56 0.82 -11.93
N HIS A 289 -21.04 -0.01 -11.01
CA HIS A 289 -22.03 0.42 -10.02
C HIS A 289 -22.12 -0.67 -8.96
N GLY A 290 -22.97 -0.44 -7.97
CA GLY A 290 -23.18 -1.41 -6.90
C GLY A 290 -21.97 -1.63 -6.02
N ARG A 291 -21.25 -0.57 -5.68
CA ARG A 291 -20.09 -0.71 -4.81
C ARG A 291 -20.52 -1.18 -3.43
N MET A 292 -19.68 -2.00 -2.79
CA MET A 292 -19.93 -2.52 -1.46
C MET A 292 -21.22 -3.33 -1.40
N GLU A 293 -21.58 -3.97 -2.51
CA GLU A 293 -22.77 -4.81 -2.56
C GLU A 293 -22.46 -6.25 -2.96
N SER A 294 -21.20 -6.62 -3.10
CA SER A 294 -20.87 -7.98 -3.51
C SER A 294 -21.15 -8.94 -2.35
N PRO A 295 -22.02 -9.93 -2.54
CA PRO A 295 -22.23 -10.91 -1.46
C PRO A 295 -20.98 -11.69 -1.11
N THR A 296 -20.13 -11.99 -2.09
CA THR A 296 -18.88 -12.69 -1.81
C THR A 296 -17.96 -11.85 -0.93
N PHE A 297 -17.92 -10.54 -1.16
CA PHE A 297 -17.11 -9.68 -0.31
C PHE A 297 -17.58 -9.73 1.13
N TRP A 298 -18.90 -9.72 1.36
CA TRP A 298 -19.41 -9.73 2.72
C TRP A 298 -19.23 -11.09 3.37
N LEU A 299 -19.32 -12.18 2.58
CA LEU A 299 -18.99 -13.49 3.14
C LEU A 299 -17.52 -13.55 3.54
N GLY A 300 -16.64 -12.99 2.72
CA GLY A 300 -15.24 -12.89 3.11
C GLY A 300 -15.03 -12.05 4.34
N ILE A 301 -15.82 -10.98 4.49
CA ILE A 301 -15.72 -10.15 5.69
C ILE A 301 -16.17 -10.93 6.92
N VAL A 302 -17.21 -11.75 6.78
CA VAL A 302 -17.64 -12.59 7.90
C VAL A 302 -16.54 -13.57 8.28
N GLY A 303 -15.91 -14.19 7.27
CA GLY A 303 -14.77 -15.05 7.56
C GLY A 303 -13.64 -14.31 8.23
N PHE A 304 -13.38 -13.07 7.79
CA PHE A 304 -12.37 -12.24 8.43
C PHE A 304 -12.69 -11.99 9.90
N VAL A 305 -13.96 -11.70 10.19
CA VAL A 305 -14.36 -11.46 11.58
C VAL A 305 -14.19 -12.73 12.40
N ILE A 306 -14.55 -13.88 11.84
CA ILE A 306 -14.39 -15.14 12.56
C ILE A 306 -12.93 -15.39 12.89
N ILE A 307 -12.05 -15.24 11.90
CA ILE A 307 -10.64 -15.48 12.12
C ILE A 307 -10.08 -14.46 13.12
N ALA A 308 -10.53 -13.21 13.04
CA ALA A 308 -10.03 -12.19 13.94
C ALA A 308 -10.43 -12.49 15.38
N TYR A 309 -11.67 -12.87 15.62
CA TYR A 309 -12.09 -13.24 16.96
C TYR A 309 -11.33 -14.48 17.45
N CYS A 310 -11.14 -15.46 16.58
CA CYS A 310 -10.42 -16.66 17.01
C CYS A 310 -8.97 -16.33 17.37
N LEU A 311 -8.33 -15.45 16.61
CA LEU A 311 -6.98 -15.02 16.94
C LEU A 311 -6.96 -14.24 18.26
N VAL A 312 -7.93 -13.33 18.44
CA VAL A 312 -7.99 -12.55 19.67
C VAL A 312 -8.21 -13.46 20.87
N LYS A 313 -9.09 -14.44 20.74
CA LYS A 313 -9.38 -15.38 21.81
C LYS A 313 -8.33 -16.47 21.95
N ASN A 314 -7.22 -16.37 21.21
CA ASN A 314 -6.16 -17.38 21.26
C ASN A 314 -6.70 -18.78 20.97
N VAL A 315 -7.63 -18.85 20.02
CA VAL A 315 -8.20 -20.12 19.58
C VAL A 315 -7.30 -20.67 18.49
N LYS A 316 -6.72 -21.85 18.71
CA LYS A 316 -5.90 -22.47 17.70
C LYS A 316 -6.75 -22.89 16.51
N GLY A 317 -6.23 -22.64 15.30
CA GLY A 317 -6.99 -22.92 14.11
C GLY A 317 -7.94 -21.82 13.70
N ALA A 318 -7.62 -20.57 14.03
CA ALA A 318 -8.49 -19.46 13.66
C ALA A 318 -8.69 -19.41 12.14
N MET A 319 -7.59 -19.39 11.40
CA MET A 319 -7.68 -19.23 9.96
C MET A 319 -8.39 -20.41 9.31
N ILE A 320 -8.12 -21.62 9.78
CA ILE A 320 -8.79 -22.79 9.19
C ILE A 320 -10.27 -22.75 9.50
N TYR A 321 -10.65 -22.29 10.71
CA TYR A 321 -12.07 -22.18 11.02
C TYR A 321 -12.76 -21.18 10.10
N GLY A 322 -12.14 -20.01 9.90
CA GLY A 322 -12.75 -19.04 9.00
C GLY A 322 -12.84 -19.52 7.58
N ILE A 323 -11.77 -20.15 7.08
CA ILE A 323 -11.78 -20.70 5.73
C ILE A 323 -12.86 -21.75 5.60
N VAL A 324 -13.00 -22.62 6.60
CA VAL A 324 -14.00 -23.67 6.56
C VAL A 324 -15.40 -23.07 6.53
N PHE A 325 -15.65 -22.06 7.35
CA PHE A 325 -16.98 -21.44 7.36
C PHE A 325 -17.30 -20.84 6.01
N VAL A 326 -16.38 -20.04 5.46
CA VAL A 326 -16.65 -19.39 4.18
C VAL A 326 -16.84 -20.43 3.08
N THR A 327 -15.98 -21.45 3.06
CA THR A 327 -16.08 -22.48 2.03
C THR A 327 -17.37 -23.27 2.16
N ALA A 328 -17.78 -23.61 3.38
CA ALA A 328 -19.03 -24.34 3.57
C ALA A 328 -20.21 -23.51 3.10
N VAL A 329 -20.21 -22.21 3.39
CA VAL A 329 -21.28 -21.36 2.89
C VAL A 329 -21.25 -21.31 1.36
N SER A 330 -20.07 -21.29 0.77
CA SER A 330 -19.95 -21.21 -0.69
C SER A 330 -20.18 -22.55 -1.38
N TRP A 331 -20.26 -23.66 -0.65
CA TRP A 331 -20.48 -24.96 -1.25
C TRP A 331 -21.91 -25.17 -1.71
N PHE A 332 -22.85 -24.32 -1.28
CA PHE A 332 -24.22 -24.42 -1.77
C PHE A 332 -24.28 -23.96 -3.22
N ARG A 333 -25.12 -24.64 -4.00
CA ARG A 333 -24.97 -24.68 -5.44
C ARG A 333 -25.63 -23.53 -6.19
N ASN A 334 -26.71 -22.94 -5.66
CA ASN A 334 -27.50 -21.97 -6.39
C ASN A 334 -27.61 -20.66 -5.62
N THR A 335 -26.48 -20.17 -5.13
CA THR A 335 -26.39 -18.90 -4.44
C THR A 335 -25.42 -17.97 -5.17
N GLU A 336 -25.42 -16.71 -4.77
CA GLU A 336 -24.53 -15.72 -5.37
C GLU A 336 -23.11 -15.83 -4.84
N VAL A 337 -22.87 -16.65 -3.83
CA VAL A 337 -21.54 -16.87 -3.28
C VAL A 337 -21.07 -18.30 -3.54
N THR A 338 -21.73 -19.01 -4.44
CA THR A 338 -21.44 -20.42 -4.67
C THR A 338 -20.05 -20.60 -5.29
N ALA A 339 -19.35 -21.64 -4.83
CA ALA A 339 -18.07 -22.01 -5.41
C ALA A 339 -18.22 -22.86 -6.67
N PHE A 340 -19.44 -23.28 -7.01
CA PHE A 340 -19.71 -24.11 -8.18
C PHE A 340 -20.81 -23.42 -8.99
N PRO A 341 -20.47 -22.40 -9.78
CA PRO A 341 -21.49 -21.73 -10.58
C PRO A 341 -22.08 -22.65 -11.63
N ASN A 342 -23.26 -22.28 -12.12
CA ASN A 342 -23.98 -23.10 -13.09
C ASN A 342 -23.31 -23.00 -14.45
N THR A 343 -22.12 -23.59 -14.58
CA THR A 343 -21.38 -23.61 -15.84
C THR A 343 -20.71 -24.96 -15.97
N SER A 344 -20.11 -25.21 -17.13
CA SER A 344 -19.41 -26.47 -17.36
C SER A 344 -18.24 -26.62 -16.38
N ALA A 345 -17.45 -25.55 -16.21
CA ALA A 345 -16.37 -25.58 -15.24
C ALA A 345 -16.91 -25.76 -13.83
N GLY A 346 -17.98 -25.03 -13.50
CA GLY A 346 -18.58 -25.19 -12.18
C GLY A 346 -19.16 -26.58 -11.99
N ASP A 347 -19.77 -27.15 -13.03
CA ASP A 347 -20.29 -28.51 -12.93
C ASP A 347 -19.17 -29.50 -12.69
N ALA A 348 -18.04 -29.35 -13.40
CA ALA A 348 -16.92 -30.25 -13.19
C ALA A 348 -16.36 -30.10 -11.78
N ALA A 349 -16.24 -28.86 -11.29
CA ALA A 349 -15.75 -28.64 -9.94
C ALA A 349 -16.66 -29.29 -8.91
N HIS A 350 -17.97 -29.13 -9.09
CA HIS A 350 -18.92 -29.76 -8.17
C HIS A 350 -18.82 -31.28 -8.23
N ASP A 351 -18.70 -31.83 -9.44
CA ASP A 351 -18.60 -33.28 -9.56
C ASP A 351 -17.36 -33.80 -8.85
N TYR A 352 -16.22 -33.10 -8.99
CA TYR A 352 -15.04 -33.49 -8.25
C TYR A 352 -15.27 -33.36 -6.75
N PHE A 353 -15.93 -32.31 -6.32
CA PHE A 353 -16.16 -32.09 -4.89
C PHE A 353 -17.09 -33.16 -4.31
N LYS A 354 -17.97 -33.74 -5.12
CA LYS A 354 -18.92 -34.72 -4.60
C LYS A 354 -18.20 -35.91 -3.95
N LYS A 355 -17.15 -36.41 -4.60
CA LYS A 355 -16.32 -37.43 -3.97
C LYS A 355 -15.53 -36.78 -2.85
N ILE A 356 -15.92 -37.06 -1.61
CA ILE A 356 -15.34 -36.37 -0.47
C ILE A 356 -13.84 -36.65 -0.39
N VAL A 357 -13.43 -37.87 -0.70
CA VAL A 357 -12.04 -38.28 -0.61
C VAL A 357 -11.56 -38.73 -1.98
N ASP A 358 -10.26 -38.58 -2.21
CA ASP A 358 -9.65 -38.95 -3.48
C ASP A 358 -8.15 -39.01 -3.32
N VAL A 359 -7.54 -40.01 -3.94
CA VAL A 359 -6.09 -40.17 -3.94
C VAL A 359 -5.59 -39.60 -5.26
N HIS A 360 -5.27 -38.32 -5.25
CA HIS A 360 -4.81 -37.62 -6.45
C HIS A 360 -3.31 -37.78 -6.60
N VAL A 361 -2.88 -38.07 -7.82
CA VAL A 361 -1.47 -38.29 -8.14
C VAL A 361 -0.99 -37.10 -8.97
N ILE A 362 0.12 -36.51 -8.55
CA ILE A 362 0.70 -35.37 -9.27
C ILE A 362 1.11 -35.85 -10.66
N LYS A 363 0.55 -35.21 -11.69
CA LYS A 363 0.83 -35.60 -13.07
C LYS A 363 1.47 -34.50 -13.90
N HIS A 364 1.44 -33.24 -13.44
CA HIS A 364 1.98 -32.12 -14.20
C HIS A 364 3.13 -31.44 -13.49
N THR A 365 2.97 -31.08 -12.22
CA THR A 365 3.93 -30.26 -11.52
C THR A 365 5.10 -31.05 -10.93
N ALA A 366 5.03 -32.37 -10.91
CA ALA A 366 6.10 -33.16 -10.33
C ALA A 366 7.25 -33.30 -11.32
N GLY A 367 8.45 -32.93 -10.89
CA GLY A 367 9.60 -33.00 -11.77
C GLY A 367 9.48 -32.13 -13.00
N ALA A 368 8.85 -30.96 -12.86
CA ALA A 368 8.64 -30.05 -13.98
C ALA A 368 9.72 -28.97 -14.04
N LEU A 369 10.93 -29.26 -13.57
CA LEU A 369 12.00 -28.28 -13.61
C LEU A 369 12.44 -28.03 -15.04
N SER A 370 12.86 -26.80 -15.31
CA SER A 370 13.38 -26.41 -16.61
C SER A 370 14.51 -25.41 -16.40
N PHE A 371 15.70 -25.74 -16.90
CA PHE A 371 16.88 -24.90 -16.74
C PHE A 371 17.15 -24.08 -18.00
N SER A 372 16.11 -23.71 -18.74
CA SER A 372 16.29 -22.93 -19.96
C SER A 372 16.59 -21.47 -19.68
N GLY A 373 16.02 -20.93 -18.61
CA GLY A 373 16.11 -19.51 -18.31
C GLY A 373 17.23 -19.09 -17.39
N ILE A 374 18.24 -19.93 -17.19
CA ILE A 374 19.35 -19.54 -16.31
C ILE A 374 20.04 -18.28 -16.83
N ASN A 375 20.28 -18.21 -18.14
CA ASN A 375 20.94 -17.05 -18.71
C ASN A 375 20.15 -15.76 -18.53
N LYS A 376 18.83 -15.84 -18.36
CA LYS A 376 18.02 -14.66 -18.17
C LYS A 376 18.32 -14.01 -16.82
N GLY A 377 18.27 -12.68 -16.80
CA GLY A 377 18.49 -11.96 -15.56
C GLY A 377 17.32 -12.02 -14.61
N HIS A 378 16.11 -12.18 -15.13
CA HIS A 378 14.95 -12.32 -14.26
C HIS A 378 15.02 -13.60 -13.45
N PHE A 379 15.54 -14.67 -14.06
CA PHE A 379 15.72 -15.91 -13.31
C PHE A 379 16.61 -15.70 -12.11
N TRP A 380 17.72 -14.98 -12.28
CA TRP A 380 18.63 -14.74 -11.16
C TRP A 380 18.05 -13.75 -10.17
N GLU A 381 17.27 -12.78 -10.63
CA GLU A 381 16.58 -11.90 -9.68
C GLU A 381 15.65 -12.71 -8.78
N ALA A 382 14.84 -13.59 -9.37
CA ALA A 382 13.95 -14.42 -8.58
C ALA A 382 14.75 -15.35 -7.67
N LEU A 383 15.83 -15.94 -8.18
CA LEU A 383 16.64 -16.84 -7.39
C LEU A 383 17.22 -16.14 -6.17
N VAL A 384 17.76 -14.93 -6.37
CA VAL A 384 18.37 -14.20 -5.26
C VAL A 384 17.31 -13.75 -4.26
N THR A 385 16.14 -13.34 -4.75
CA THR A 385 15.06 -12.97 -3.84
C THR A 385 14.63 -14.16 -2.99
N PHE A 386 14.45 -15.32 -3.62
CA PHE A 386 14.13 -16.52 -2.86
C PHE A 386 15.21 -16.83 -1.85
N LEU A 387 16.48 -16.77 -2.28
CA LEU A 387 17.58 -17.16 -1.42
C LEU A 387 17.66 -16.26 -0.19
N TYR A 388 17.55 -14.95 -0.39
CA TYR A 388 17.69 -14.04 0.74
C TYR A 388 16.45 -14.05 1.63
N VAL A 389 15.25 -14.15 1.05
CA VAL A 389 14.06 -14.29 1.88
C VAL A 389 14.18 -15.55 2.73
N ASP A 390 14.58 -16.66 2.13
CA ASP A 390 14.73 -17.89 2.90
C ASP A 390 15.80 -17.76 3.96
N ILE A 391 16.96 -17.19 3.62
CA ILE A 391 18.03 -17.03 4.60
C ILE A 391 17.50 -16.25 5.80
N LEU A 392 17.06 -15.02 5.57
CA LEU A 392 16.64 -14.16 6.69
C LEU A 392 15.50 -14.78 7.46
N ASP A 393 14.43 -15.19 6.76
CA ASP A 393 13.25 -15.71 7.42
C ASP A 393 13.56 -16.97 8.21
N THR A 394 14.20 -17.96 7.57
CA THR A 394 14.48 -19.21 8.24
C THR A 394 15.41 -19.00 9.42
N THR A 395 16.45 -18.17 9.27
CA THR A 395 17.33 -17.91 10.40
C THR A 395 16.55 -17.32 11.56
N GLY A 396 15.79 -16.26 11.31
CA GLY A 396 15.05 -15.62 12.38
C GLY A 396 14.06 -16.56 13.04
N THR A 397 13.29 -17.28 12.22
CA THR A 397 12.26 -18.16 12.76
C THR A 397 12.86 -19.31 13.54
N LEU A 398 13.92 -19.94 13.01
CA LEU A 398 14.53 -21.06 13.70
C LEU A 398 15.12 -20.63 15.03
N TYR A 399 15.80 -19.47 15.05
CA TYR A 399 16.39 -19.03 16.32
C TYR A 399 15.31 -18.58 17.29
N SER A 400 14.21 -18.00 16.81
CA SER A 400 13.10 -17.65 17.68
C SER A 400 12.47 -18.90 18.29
N MET A 401 12.29 -19.95 17.49
CA MET A 401 11.77 -21.20 18.03
C MET A 401 12.74 -21.79 19.03
N ALA A 402 14.04 -21.71 18.77
CA ALA A 402 15.02 -22.21 19.73
C ALA A 402 14.92 -21.46 21.05
N ARG A 403 14.80 -20.13 21.00
CA ARG A 403 14.63 -19.36 22.22
C ARG A 403 13.34 -19.74 22.94
N PHE A 404 12.25 -19.90 22.18
CA PHE A 404 10.95 -20.19 22.78
C PHE A 404 10.97 -21.55 23.46
N ALA A 405 11.63 -22.54 22.85
CA ALA A 405 11.70 -23.89 23.41
C ALA A 405 12.81 -24.03 24.45
N GLY A 406 13.59 -22.97 24.69
CA GLY A 406 14.67 -23.05 25.65
C GLY A 406 15.80 -23.96 25.22
N PHE A 407 16.17 -23.94 23.94
CA PHE A 407 17.30 -24.70 23.43
C PHE A 407 18.52 -23.83 23.17
N VAL A 408 18.41 -22.52 23.30
CA VAL A 408 19.52 -21.61 23.05
C VAL A 408 20.37 -21.49 24.31
N ASP A 409 21.67 -21.71 24.17
CA ASP A 409 22.61 -21.60 25.27
C ASP A 409 23.27 -20.22 25.25
N GLU A 410 24.31 -20.05 26.06
CA GLU A 410 24.98 -18.76 26.16
C GLU A 410 25.58 -18.33 24.82
N LYS A 411 26.22 -19.27 24.12
CA LYS A 411 26.85 -18.92 22.84
C LYS A 411 25.83 -18.62 21.75
N GLY A 412 24.58 -19.03 21.92
CA GLY A 412 23.53 -18.72 20.97
C GLY A 412 23.14 -19.85 20.04
N ASP A 413 23.79 -21.00 20.14
CA ASP A 413 23.46 -22.16 19.31
C ASP A 413 22.58 -23.12 20.09
N PHE A 414 21.71 -23.83 19.36
CA PHE A 414 20.75 -24.74 19.96
C PHE A 414 20.96 -26.16 19.43
N ALA A 415 22.22 -26.60 19.39
CA ALA A 415 22.54 -27.99 19.11
C ALA A 415 22.20 -28.38 17.68
N GLY A 416 20.91 -28.56 17.40
CA GLY A 416 20.50 -29.06 16.11
C GLY A 416 20.31 -28.00 15.05
N GLN A 417 20.94 -26.83 15.25
CA GLN A 417 20.79 -25.75 14.29
C GLN A 417 21.37 -26.14 12.93
N TYR A 418 22.54 -26.77 12.92
CA TYR A 418 23.17 -27.16 11.66
C TYR A 418 22.24 -28.06 10.85
N PHE A 419 21.78 -29.14 11.46
CA PHE A 419 20.88 -30.05 10.78
C PHE A 419 19.50 -29.43 10.57
N ALA A 420 19.11 -28.47 11.40
CA ALA A 420 17.85 -27.78 11.17
C ALA A 420 17.88 -27.00 9.85
N PHE A 421 18.96 -26.24 9.62
CA PHE A 421 19.06 -25.49 8.38
C PHE A 421 19.27 -26.41 7.19
N MET A 422 20.01 -27.50 7.37
CA MET A 422 20.14 -28.47 6.28
C MET A 422 18.79 -29.09 5.95
N SER A 423 17.97 -29.38 6.97
CA SER A 423 16.64 -29.91 6.73
C SER A 423 15.77 -28.91 5.99
N ASP A 424 15.86 -27.63 6.37
CA ASP A 424 15.09 -26.61 5.67
C ASP A 424 15.48 -26.53 4.19
N ALA A 425 16.80 -26.53 3.91
CA ALA A 425 17.24 -26.45 2.53
C ALA A 425 16.83 -27.70 1.74
N SER A 426 16.96 -28.87 2.34
CA SER A 426 16.54 -30.10 1.67
C SER A 426 15.05 -30.08 1.39
N ALA A 427 14.25 -29.58 2.34
CA ALA A 427 12.82 -29.46 2.12
C ALA A 427 12.51 -28.51 0.98
N ILE A 428 13.26 -27.41 0.89
CA ILE A 428 13.08 -26.49 -0.23
C ILE A 428 13.33 -27.21 -1.55
N VAL A 429 14.43 -27.98 -1.62
CA VAL A 429 14.75 -28.69 -2.85
C VAL A 429 13.67 -29.69 -3.20
N ILE A 430 13.20 -30.46 -2.20
CA ILE A 430 12.18 -31.46 -2.46
C ILE A 430 10.87 -30.81 -2.92
N GLY A 431 10.49 -29.71 -2.28
CA GLY A 431 9.29 -29.00 -2.71
C GLY A 431 9.41 -28.49 -4.13
N SER A 432 10.58 -27.94 -4.48
CA SER A 432 10.80 -27.51 -5.86
C SER A 432 10.63 -28.68 -6.82
N LEU A 433 11.15 -29.85 -6.45
CA LEU A 433 10.96 -31.03 -7.29
C LEU A 433 9.48 -31.39 -7.41
N LEU A 434 8.72 -31.23 -6.33
CA LEU A 434 7.29 -31.54 -6.35
C LEU A 434 6.45 -30.48 -7.02
N GLY A 435 6.99 -29.28 -7.24
CA GLY A 435 6.29 -28.24 -7.94
C GLY A 435 5.67 -27.17 -7.08
N THR A 436 6.30 -26.79 -5.98
CA THR A 436 5.77 -25.77 -5.09
C THR A 436 6.85 -24.76 -4.75
N SER A 437 6.41 -23.58 -4.31
CA SER A 437 7.31 -22.50 -3.91
C SER A 437 8.15 -22.97 -2.72
N PRO A 438 9.18 -22.22 -2.32
CA PRO A 438 10.06 -22.70 -1.26
C PRO A 438 9.30 -23.01 0.02
N VAL A 439 9.69 -24.10 0.67
CA VAL A 439 9.07 -24.53 1.92
C VAL A 439 9.97 -24.10 3.07
N THR A 440 9.37 -23.53 4.11
CA THR A 440 10.11 -22.99 5.23
C THR A 440 9.51 -23.50 6.53
N VAL A 441 10.26 -23.28 7.62
CA VAL A 441 9.77 -23.57 8.95
C VAL A 441 8.75 -22.51 9.34
N PHE A 442 7.60 -22.95 9.84
CA PHE A 442 6.52 -22.03 10.18
C PHE A 442 6.64 -21.50 11.59
N ILE A 443 6.29 -20.22 11.76
CA ILE A 443 6.23 -19.60 13.08
C ILE A 443 5.13 -20.24 13.90
N GLU A 444 4.14 -20.83 13.23
CA GLU A 444 3.07 -21.54 13.92
C GLU A 444 3.58 -22.69 14.76
N SER A 445 4.79 -23.18 14.46
CA SER A 445 5.40 -24.20 15.30
C SER A 445 5.49 -23.75 16.74
N SER A 446 5.57 -22.44 16.97
CA SER A 446 5.59 -21.94 18.34
C SER A 446 4.43 -22.50 19.14
N THR A 447 3.25 -22.60 18.52
CA THR A 447 2.11 -23.18 19.21
C THR A 447 2.46 -24.54 19.79
N GLY A 448 3.00 -25.43 18.95
CA GLY A 448 3.45 -26.72 19.46
C GLY A 448 4.47 -26.57 20.56
N ILE A 449 5.47 -25.70 20.35
CA ILE A 449 6.45 -25.45 21.39
C ILE A 449 5.77 -24.86 22.63
N ARG A 450 4.75 -24.02 22.42
CA ARG A 450 4.01 -23.48 23.55
C ARG A 450 3.18 -24.56 24.25
N GLU A 451 2.92 -25.67 23.57
CA GLU A 451 2.10 -26.75 24.10
C GLU A 451 2.91 -27.83 24.77
N GLY A 452 4.24 -27.73 24.74
CA GLY A 452 5.12 -28.69 25.37
C GLY A 452 5.95 -29.54 24.43
N GLY A 453 5.79 -29.36 23.12
CA GLY A 453 6.57 -30.14 22.17
C GLY A 453 8.04 -29.75 22.24
N ARG A 454 8.92 -30.73 22.39
CA ARG A 454 10.35 -30.48 22.48
C ARG A 454 11.20 -31.34 21.56
N THR A 455 10.73 -32.50 21.11
CA THR A 455 11.48 -33.41 20.28
C THR A 455 10.95 -33.39 18.85
N GLY A 456 11.51 -34.24 18.01
CA GLY A 456 11.07 -34.34 16.64
C GLY A 456 9.74 -35.05 16.47
N LEU A 457 9.23 -35.70 17.52
CA LEU A 457 7.94 -36.37 17.40
C LEU A 457 6.82 -35.39 17.09
N THR A 458 6.97 -34.13 17.49
CA THR A 458 5.99 -33.12 17.11
C THR A 458 5.96 -32.94 15.59
N ALA A 459 7.15 -32.87 14.97
CA ALA A 459 7.20 -32.76 13.52
C ALA A 459 6.63 -34.00 12.85
N ILE A 460 6.90 -35.19 13.39
CA ILE A 460 6.35 -36.41 12.82
C ILE A 460 4.83 -36.41 12.94
N THR A 461 4.31 -35.91 14.06
CA THR A 461 2.86 -35.84 14.24
C THR A 461 2.24 -34.88 13.23
N VAL A 462 2.87 -33.72 13.01
CA VAL A 462 2.36 -32.80 12.01
C VAL A 462 2.42 -33.43 10.63
N ALA A 463 3.46 -34.22 10.36
CA ALA A 463 3.57 -34.91 9.08
C ALA A 463 2.46 -35.93 8.91
N VAL A 464 2.12 -36.65 9.98
CA VAL A 464 1.03 -37.62 9.90
C VAL A 464 -0.29 -36.90 9.65
N TYR A 465 -0.50 -35.77 10.31
CA TYR A 465 -1.71 -34.98 10.04
C TYR A 465 -1.75 -34.52 8.59
N PHE A 466 -0.61 -34.10 8.04
CA PHE A 466 -0.57 -33.71 6.64
C PHE A 466 -0.87 -34.89 5.74
N LEU A 467 -0.35 -36.07 6.07
CA LEU A 467 -0.69 -37.27 5.31
C LEU A 467 -2.20 -37.49 5.31
N LEU A 468 -2.83 -37.33 6.47
CA LEU A 468 -4.29 -37.39 6.52
C LEU A 468 -4.93 -36.27 5.70
N ALA A 469 -4.20 -35.16 5.51
CA ALA A 469 -4.74 -34.06 4.70
C ALA A 469 -4.95 -34.52 3.26
N MET A 470 -4.05 -35.34 2.73
CA MET A 470 -4.36 -36.04 1.50
C MET A 470 -5.63 -36.86 1.70
N PHE A 471 -6.17 -37.38 0.60
CA PHE A 471 -7.46 -38.05 0.58
C PHE A 471 -8.59 -37.05 0.79
N PHE A 472 -8.30 -35.75 0.79
CA PHE A 472 -9.31 -34.70 0.93
C PHE A 472 -9.06 -33.59 -0.08
N THR A 473 -8.33 -33.90 -1.16
CA THR A 473 -8.14 -32.91 -2.21
C THR A 473 -9.44 -32.36 -2.76
N PRO A 474 -10.49 -33.17 -2.98
CA PRO A 474 -11.75 -32.59 -3.48
C PRO A 474 -12.30 -31.48 -2.58
N LEU A 475 -12.19 -31.63 -1.26
CA LEU A 475 -12.64 -30.57 -0.37
C LEU A 475 -11.71 -29.37 -0.40
N LEU A 476 -10.41 -29.61 -0.47
CA LEU A 476 -9.43 -28.53 -0.49
C LEU A 476 -9.35 -27.82 -1.84
N ALA A 477 -9.79 -28.46 -2.91
CA ALA A 477 -9.76 -27.87 -4.24
C ALA A 477 -10.99 -27.02 -4.54
N SER A 478 -11.97 -26.99 -3.64
CA SER A 478 -13.20 -26.24 -3.84
C SER A 478 -13.30 -25.04 -2.91
N ILE A 479 -12.18 -24.35 -2.70
CA ILE A 479 -12.11 -23.23 -1.77
C ILE A 479 -12.01 -21.94 -2.60
N PRO A 480 -12.99 -21.05 -2.51
CA PRO A 480 -13.00 -19.86 -3.39
C PRO A 480 -12.01 -18.80 -2.94
N ALA A 481 -11.89 -17.77 -3.78
CA ALA A 481 -10.93 -16.70 -3.50
C ALA A 481 -11.30 -15.93 -2.24
N TRP A 482 -12.60 -15.68 -2.03
CA TRP A 482 -13.04 -14.98 -0.84
C TRP A 482 -12.87 -15.81 0.43
N ALA A 483 -12.55 -17.09 0.30
CA ALA A 483 -12.12 -17.89 1.43
C ALA A 483 -10.62 -17.73 1.68
N VAL A 484 -9.83 -17.58 0.62
CA VAL A 484 -8.39 -17.35 0.81
C VAL A 484 -8.16 -15.98 1.44
N GLY A 485 -8.51 -14.91 0.72
CA GLY A 485 -9.06 -13.72 1.33
C GLY A 485 -8.53 -13.34 2.72
N PRO A 486 -9.42 -13.40 3.70
CA PRO A 486 -9.09 -12.95 5.05
C PRO A 486 -7.85 -13.64 5.61
N PRO A 487 -7.65 -14.93 5.32
CA PRO A 487 -6.36 -15.52 5.70
C PRO A 487 -5.16 -14.72 5.21
N LEU A 488 -5.18 -14.29 3.95
CA LEU A 488 -4.08 -13.45 3.45
C LEU A 488 -4.01 -12.14 4.21
N ILE A 489 -5.16 -11.49 4.41
CA ILE A 489 -5.14 -10.18 5.06
C ILE A 489 -4.58 -10.28 6.47
N LEU A 490 -5.00 -11.31 7.21
CA LEU A 490 -4.56 -11.46 8.59
C LEU A 490 -3.12 -11.96 8.69
N VAL A 491 -2.66 -12.73 7.71
CA VAL A 491 -1.24 -13.06 7.67
C VAL A 491 -0.42 -11.81 7.47
N GLY A 492 -0.89 -10.89 6.62
CA GLY A 492 -0.23 -9.61 6.49
C GLY A 492 -0.24 -8.82 7.80
N VAL A 493 -1.37 -8.84 8.50
CA VAL A 493 -1.46 -8.18 9.79
C VAL A 493 -0.39 -8.73 10.73
N MET A 494 -0.27 -10.06 10.80
CA MET A 494 0.72 -10.68 11.67
C MET A 494 2.13 -10.31 11.26
N MET A 495 2.41 -10.29 9.95
CA MET A 495 3.73 -9.91 9.47
C MET A 495 4.08 -8.47 9.80
N MET A 496 3.07 -7.60 9.93
CA MET A 496 3.34 -6.19 10.16
C MET A 496 4.03 -5.90 11.49
N LYS A 497 4.05 -6.85 12.43
CA LYS A 497 4.51 -6.53 13.78
C LYS A 497 5.98 -6.16 13.85
N SER A 498 6.76 -6.40 12.78
CA SER A 498 8.19 -6.11 12.83
C SER A 498 8.51 -4.63 12.66
N VAL A 499 7.53 -3.80 12.32
CA VAL A 499 7.81 -2.39 12.07
C VAL A 499 8.30 -1.69 13.33
N THR A 500 7.94 -2.22 14.50
CA THR A 500 8.32 -1.57 15.76
C THR A 500 9.83 -1.56 15.97
N GLU A 501 10.59 -2.40 15.27
CA GLU A 501 12.03 -2.46 15.43
C GLU A 501 12.75 -1.42 14.57
N ILE A 502 12.02 -0.63 13.79
CA ILE A 502 12.60 0.39 12.93
C ILE A 502 12.61 1.71 13.70
N ASP A 503 13.77 2.36 13.73
CA ASP A 503 13.90 3.68 14.35
C ASP A 503 13.43 4.71 13.34
N TRP A 504 12.12 5.00 13.38
CA TRP A 504 11.52 5.91 12.42
C TRP A 504 11.99 7.35 12.60
N GLU A 505 12.66 7.67 13.71
CA GLU A 505 13.22 9.00 13.89
C GLU A 505 14.51 9.20 13.13
N ASP A 506 15.16 8.12 12.70
CA ASP A 506 16.39 8.19 11.93
C ASP A 506 16.06 8.01 10.45
N MET A 507 16.33 9.04 9.65
CA MET A 507 16.00 8.97 8.24
C MET A 507 16.83 7.92 7.52
N ARG A 508 18.11 7.79 7.88
CA ARG A 508 18.95 6.78 7.24
C ARG A 508 18.40 5.37 7.42
N GLU A 509 17.60 5.13 8.45
CA GLU A 509 16.93 3.86 8.63
C GLU A 509 15.45 3.88 8.26
N ALA A 510 14.80 5.03 8.43
CA ALA A 510 13.38 5.12 8.12
C ALA A 510 13.12 5.09 6.62
N ILE A 511 13.89 5.84 5.84
CA ILE A 511 13.63 5.97 4.41
C ILE A 511 13.83 4.61 3.73
N PRO A 512 14.95 3.91 3.94
CA PRO A 512 15.06 2.56 3.36
C PRO A 512 13.96 1.62 3.82
N ALA A 513 13.61 1.67 5.11
CA ALA A 513 12.55 0.81 5.61
C ALA A 513 11.22 1.15 4.99
N PHE A 514 10.91 2.45 4.87
CA PHE A 514 9.65 2.85 4.25
C PHE A 514 9.60 2.42 2.79
N VAL A 515 10.70 2.59 2.07
CA VAL A 515 10.74 2.18 0.67
C VAL A 515 10.52 0.67 0.56
N THR A 516 11.18 -0.10 1.41
CA THR A 516 11.00 -1.55 1.38
C THR A 516 9.56 -1.93 1.67
N MET A 517 8.95 -1.29 2.67
CA MET A 517 7.56 -1.61 3.00
C MET A 517 6.63 -1.28 1.85
N ILE A 518 6.81 -0.11 1.23
CA ILE A 518 5.81 0.41 0.32
C ILE A 518 5.97 -0.07 -1.11
N LEU A 519 7.18 -0.45 -1.53
CA LEU A 519 7.38 -0.89 -2.91
C LEU A 519 6.85 -2.30 -3.13
N MET A 520 6.88 -3.15 -2.10
CA MET A 520 6.40 -4.52 -2.29
C MET A 520 4.93 -4.57 -2.68
N PRO A 521 4.01 -3.88 -2.00
CA PRO A 521 2.61 -3.91 -2.46
C PRO A 521 2.35 -3.05 -3.68
N LEU A 522 3.05 -1.92 -3.83
CA LEU A 522 2.74 -1.01 -4.93
C LEU A 522 3.34 -1.50 -6.24
N THR A 523 4.66 -1.65 -6.32
CA THR A 523 5.23 -2.34 -7.47
C THR A 523 4.80 -3.79 -7.51
N TYR A 524 4.28 -4.31 -6.39
CA TYR A 524 3.61 -5.60 -6.33
C TYR A 524 4.62 -6.73 -6.44
N SER A 525 5.88 -6.45 -6.10
CA SER A 525 6.97 -7.41 -6.23
C SER A 525 7.86 -7.31 -5.00
N VAL A 526 8.15 -8.46 -4.39
CA VAL A 526 9.07 -8.48 -3.25
C VAL A 526 10.47 -8.13 -3.69
N ALA A 527 10.91 -8.62 -4.86
CA ALA A 527 12.25 -8.34 -5.34
C ALA A 527 12.44 -6.84 -5.57
N TYR A 528 11.45 -6.18 -6.17
CA TYR A 528 11.57 -4.74 -6.40
C TYR A 528 11.63 -3.98 -5.09
N GLY A 529 10.84 -4.40 -4.10
CA GLY A 529 10.91 -3.74 -2.80
C GLY A 529 12.28 -3.89 -2.16
N LEU A 530 12.83 -5.10 -2.19
CA LEU A 530 14.16 -5.32 -1.64
C LEU A 530 15.20 -4.50 -2.38
N ILE A 531 15.12 -4.46 -3.71
CA ILE A 531 16.08 -3.71 -4.50
C ILE A 531 16.00 -2.22 -4.17
N GLY A 532 14.77 -1.69 -4.11
CA GLY A 532 14.62 -0.28 -3.78
C GLY A 532 15.13 0.05 -2.39
N GLY A 533 14.81 -0.80 -1.41
CA GLY A 533 15.28 -0.55 -0.06
C GLY A 533 16.80 -0.59 0.05
N ILE A 534 17.42 -1.62 -0.54
CA ILE A 534 18.86 -1.73 -0.48
C ILE A 534 19.52 -0.58 -1.22
N GLY A 535 18.98 -0.21 -2.38
CA GLY A 535 19.55 0.89 -3.13
C GLY A 535 19.45 2.21 -2.39
N SER A 536 18.30 2.47 -1.76
CA SER A 536 18.16 3.69 -0.98
C SER A 536 19.11 3.69 0.22
N TYR A 537 19.25 2.56 0.89
CA TYR A 537 20.19 2.47 2.00
C TYR A 537 21.61 2.77 1.55
N VAL A 538 22.03 2.13 0.45
CA VAL A 538 23.40 2.33 -0.04
C VAL A 538 23.59 3.78 -0.45
N VAL A 539 22.62 4.37 -1.15
CA VAL A 539 22.76 5.74 -1.60
C VAL A 539 22.86 6.68 -0.40
N LEU A 540 22.02 6.48 0.61
CA LEU A 540 21.99 7.38 1.75
C LEU A 540 23.21 7.21 2.65
N HIS A 541 23.85 6.04 2.62
CA HIS A 541 25.05 5.82 3.41
C HIS A 541 26.33 5.99 2.60
N LEU A 542 26.23 6.34 1.32
CA LEU A 542 27.43 6.60 0.52
C LEU A 542 28.27 7.71 1.14
N TRP A 543 27.63 8.80 1.56
CA TRP A 543 28.37 9.91 2.16
C TRP A 543 29.11 9.48 3.41
N ASP A 544 28.41 8.77 4.31
CA ASP A 544 29.03 8.31 5.54
C ASP A 544 30.17 7.34 5.27
N TRP A 545 29.98 6.43 4.32
CA TRP A 545 31.02 5.46 4.01
C TRP A 545 32.24 6.15 3.42
N GLY A 546 32.03 7.13 2.53
CA GLY A 546 33.15 7.89 2.00
C GLY A 546 33.90 8.66 3.08
N GLU A 547 33.16 9.29 3.98
CA GLU A 547 33.79 10.02 5.07
C GLU A 547 34.61 9.09 5.95
N GLU A 548 34.05 7.93 6.30
CA GLU A 548 34.77 6.97 7.12
C GLU A 548 36.00 6.43 6.40
N GLY A 549 35.89 6.17 5.10
CA GLY A 549 37.06 5.73 4.35
C GLY A 549 38.16 6.77 4.33
N LEU A 550 37.79 8.03 4.11
CA LEU A 550 38.79 9.10 4.13
C LEU A 550 39.43 9.22 5.50
N VAL A 551 38.63 9.13 6.57
CA VAL A 551 39.18 9.19 7.92
C VAL A 551 40.16 8.04 8.16
N LYS A 552 39.79 6.84 7.72
CA LYS A 552 40.69 5.70 7.86
C LYS A 552 41.98 5.94 7.10
N LEU A 553 41.89 6.49 5.89
CA LEU A 553 43.07 6.87 5.13
C LEU A 553 43.83 8.02 5.79
N GLY A 554 43.18 8.78 6.66
CA GLY A 554 43.82 9.85 7.39
C GLY A 554 43.58 11.24 6.84
N PHE A 555 42.82 11.37 5.75
CA PHE A 555 42.58 12.69 5.18
C PHE A 555 41.79 13.57 6.13
N LEU A 556 40.94 12.97 6.96
CA LEU A 556 40.10 13.70 7.90
C LEU A 556 40.29 13.14 9.30
N LYS A 557 40.03 13.98 10.29
CA LYS A 557 40.17 13.59 11.69
C LYS A 557 38.81 13.18 12.27
N PRO B 18 27.46 48.29 21.76
CA PRO B 18 27.10 46.89 21.52
C PRO B 18 26.70 46.64 20.06
N LYS B 19 26.73 45.38 19.64
CA LYS B 19 26.29 45.00 18.29
C LYS B 19 24.91 45.56 17.99
N LEU B 20 24.74 46.10 16.79
CA LEU B 20 23.46 46.71 16.44
C LEU B 20 22.30 45.77 16.74
N LEU B 21 22.51 44.47 16.55
CA LEU B 21 21.46 43.50 16.84
C LEU B 21 21.05 43.56 18.31
N ASN B 22 22.02 43.75 19.21
CA ASN B 22 21.69 43.86 20.63
C ASN B 22 20.86 45.11 20.91
N ARG B 23 21.21 46.24 20.29
CA ARG B 23 20.40 47.44 20.48
C ARG B 23 18.98 47.22 19.98
N LEU B 24 18.84 46.59 18.81
CA LEU B 24 17.51 46.32 18.28
C LEU B 24 16.72 45.41 19.21
N ASN B 25 17.37 44.38 19.74
CA ASN B 25 16.69 43.44 20.63
C ASN B 25 16.23 44.15 21.90
N THR B 26 17.12 44.95 22.50
CA THR B 26 16.74 45.66 23.73
C THR B 26 15.62 46.66 23.46
N TYR B 27 15.70 47.38 22.34
CA TYR B 27 14.67 48.36 22.02
C TYR B 27 13.31 47.70 21.82
N VAL B 28 13.28 46.60 21.07
CA VAL B 28 11.99 45.95 20.78
C VAL B 28 11.45 45.28 22.04
N GLY B 29 12.31 44.64 22.82
CA GLY B 29 11.84 43.94 24.01
C GLY B 29 11.22 44.86 25.03
N SER B 30 11.72 46.09 25.14
CA SER B 30 11.22 47.06 26.10
C SER B 30 10.11 47.94 25.53
N SER B 31 9.72 47.73 24.28
CA SER B 31 8.68 48.54 23.65
C SER B 31 7.30 47.95 23.92
N ARG B 32 6.27 48.69 23.52
CA ARG B 32 4.90 48.25 23.75
C ARG B 32 4.61 46.94 23.01
N VAL B 33 5.09 46.82 21.77
CA VAL B 33 4.88 45.59 21.01
C VAL B 33 5.59 44.42 21.68
N GLY B 34 6.82 44.64 22.15
CA GLY B 34 7.55 43.57 22.80
C GLY B 34 6.87 43.07 24.05
N LYS B 35 6.32 43.99 24.84
CA LYS B 35 5.56 43.58 26.02
C LYS B 35 4.26 42.90 25.62
N ARG B 36 3.64 43.34 24.51
CA ARG B 36 2.45 42.68 24.03
C ARG B 36 2.72 41.23 23.66
N PHE B 37 3.86 40.96 23.04
CA PHE B 37 4.23 39.61 22.66
C PHE B 37 4.96 38.86 23.77
N LYS B 38 5.13 39.47 24.95
CA LYS B 38 5.76 38.82 26.08
C LYS B 38 7.17 38.34 25.73
N LEU B 39 7.93 39.22 25.09
CA LEU B 39 9.29 38.87 24.70
C LEU B 39 10.17 38.60 25.90
N ALA B 40 10.21 39.54 26.85
CA ALA B 40 11.08 39.38 28.01
C ALA B 40 10.68 38.19 28.86
N GLU B 41 9.38 37.99 29.06
CA GLU B 41 8.92 36.89 29.90
C GLU B 41 9.25 35.53 29.32
N ARG B 42 9.61 35.45 28.03
CA ARG B 42 9.86 34.18 27.38
C ARG B 42 11.30 34.02 26.92
N ASN B 43 12.18 34.97 27.24
CA ASN B 43 13.63 34.83 27.02
C ASN B 43 13.98 34.77 25.53
N SER B 44 13.39 35.68 24.76
CA SER B 44 13.72 35.86 23.36
C SER B 44 13.07 37.15 22.89
N THR B 45 13.80 38.05 22.21
CA THR B 45 13.32 39.41 22.01
C THR B 45 12.97 39.71 20.55
N PHE B 46 13.93 39.78 19.64
CA PHE B 46 13.56 40.04 18.26
C PHE B 46 14.30 39.17 17.25
N THR B 47 15.61 39.00 17.44
CA THR B 47 16.38 38.26 16.47
C THR B 47 16.15 36.76 16.58
N THR B 48 15.92 36.28 17.79
CA THR B 48 15.54 34.88 17.96
C THR B 48 14.21 34.60 17.27
N GLU B 49 13.25 35.51 17.40
CA GLU B 49 11.96 35.33 16.73
C GLU B 49 12.10 35.37 15.22
N LEU B 50 12.90 36.30 14.69
CA LEU B 50 13.11 36.34 13.25
C LEU B 50 13.79 35.08 12.75
N ARG B 51 14.81 34.60 13.47
CA ARG B 51 15.49 33.38 13.06
C ARG B 51 14.55 32.18 13.12
N ALA B 52 13.72 32.10 14.16
CA ALA B 52 12.77 31.00 14.27
C ALA B 52 11.77 31.04 13.12
N GLY B 53 11.27 32.23 12.79
CA GLY B 53 10.35 32.35 11.67
C GLY B 53 11.01 31.95 10.36
N THR B 54 12.26 32.38 10.15
CA THR B 54 12.97 32.01 8.93
C THR B 54 13.16 30.50 8.85
N ALA B 55 13.54 29.87 9.96
CA ALA B 55 13.75 28.42 9.96
C ALA B 55 12.44 27.68 9.69
N THR B 56 11.35 28.13 10.31
CA THR B 56 10.06 27.49 10.07
C THR B 56 9.64 27.65 8.61
N PHE B 57 9.82 28.84 8.05
CA PHE B 57 9.45 29.05 6.66
C PHE B 57 10.31 28.19 5.74
N LEU B 58 11.61 28.07 6.01
CA LEU B 58 12.45 27.21 5.19
C LEU B 58 11.98 25.77 5.27
N THR B 59 11.61 25.31 6.46
CA THR B 59 11.15 23.93 6.63
C THR B 59 9.84 23.68 5.92
N MET B 60 8.93 24.66 5.90
CA MET B 60 7.58 24.46 5.39
C MET B 60 7.35 25.06 4.00
N ALA B 61 8.39 25.58 3.35
CA ALA B 61 8.21 26.23 2.07
C ALA B 61 7.76 25.28 0.97
N TYR B 62 7.98 23.97 1.12
CA TYR B 62 7.54 23.03 0.11
C TYR B 62 6.03 23.10 -0.13
N ILE B 63 5.28 23.55 0.87
CA ILE B 63 3.83 23.60 0.73
C ILE B 63 3.43 24.52 -0.41
N LEU B 64 4.15 25.63 -0.59
CA LEU B 64 3.80 26.60 -1.62
C LEU B 64 3.65 25.94 -2.99
N ALA B 65 4.47 24.92 -3.25
CA ALA B 65 4.39 24.18 -4.51
C ALA B 65 3.45 22.99 -4.41
N VAL B 66 3.59 22.20 -3.34
CA VAL B 66 2.90 20.92 -3.28
C VAL B 66 1.39 21.13 -3.15
N ASN B 67 0.96 22.04 -2.28
CA ASN B 67 -0.47 22.23 -2.09
C ASN B 67 -1.13 22.73 -3.37
N ALA B 68 -0.48 23.68 -4.04
CA ALA B 68 -1.03 24.19 -5.29
C ALA B 68 -1.13 23.08 -6.33
N SER B 69 -0.10 22.26 -6.47
CA SER B 69 -0.15 21.19 -7.45
C SER B 69 -1.28 20.21 -7.14
N ILE B 70 -1.37 19.78 -5.88
CA ILE B 70 -2.36 18.79 -5.50
C ILE B 70 -3.77 19.33 -5.70
N LEU B 71 -4.01 20.58 -5.30
CA LEU B 71 -5.35 21.14 -5.43
C LEU B 71 -5.70 21.46 -6.88
N SER B 72 -4.70 21.79 -7.70
CA SER B 72 -4.94 21.98 -9.12
C SER B 72 -5.32 20.66 -9.78
N ASP B 73 -4.74 19.55 -9.33
CA ASP B 73 -5.11 18.25 -9.87
C ASP B 73 -6.60 17.98 -9.66
N SER B 74 -7.23 18.65 -8.69
CA SER B 74 -8.65 18.48 -8.43
C SER B 74 -9.53 19.01 -9.55
N GLY B 75 -8.99 19.82 -10.46
CA GLY B 75 -9.76 20.37 -11.55
C GLY B 75 -10.27 21.77 -11.32
N GLY B 76 -10.35 22.22 -10.07
CA GLY B 76 -10.77 23.58 -9.82
C GLY B 76 -12.29 23.72 -9.78
N THR B 77 -12.76 24.91 -10.16
CA THR B 77 -14.17 25.25 -10.06
C THR B 77 -14.93 25.06 -11.36
N CYS B 78 -14.27 24.94 -12.50
CA CYS B 78 -14.97 24.91 -13.76
C CYS B 78 -15.39 23.48 -14.13
N SER B 79 -16.35 23.41 -15.03
CA SER B 79 -16.92 22.17 -15.52
C SER B 79 -16.69 22.09 -17.03
N VAL B 80 -17.36 21.14 -17.68
CA VAL B 80 -17.32 21.05 -19.13
C VAL B 80 -17.66 22.38 -19.80
N SER B 81 -18.27 23.31 -19.08
CA SER B 81 -18.62 24.59 -19.65
C SER B 81 -17.42 25.32 -20.23
N ASP B 82 -16.21 25.07 -19.71
CA ASP B 82 -15.00 25.70 -20.22
C ASP B 82 -14.25 24.82 -21.21
N CYS B 83 -14.80 23.67 -21.58
CA CYS B 83 -14.24 22.88 -22.67
C CYS B 83 -14.67 23.47 -23.99
N ILE B 84 -13.71 23.71 -24.88
CA ILE B 84 -14.00 24.31 -26.18
C ILE B 84 -14.39 23.21 -27.16
N PRO B 85 -15.31 23.47 -28.10
CA PRO B 85 -15.60 22.48 -29.13
C PRO B 85 -14.36 22.17 -29.96
N LEU B 86 -14.21 20.91 -30.33
CA LEU B 86 -13.07 20.44 -31.10
C LEU B 86 -13.52 19.97 -32.48
N CYS B 87 -12.66 20.18 -33.47
CA CYS B 87 -12.96 19.79 -34.83
C CYS B 87 -12.87 18.27 -34.96
N SER B 88 -13.47 17.76 -36.05
CA SER B 88 -13.46 16.32 -36.28
C SER B 88 -12.03 15.81 -36.43
N ASN B 89 -11.20 16.52 -37.18
CA ASN B 89 -9.79 16.17 -37.31
C ASN B 89 -8.94 17.16 -36.53
N PRO B 90 -7.83 16.72 -35.94
CA PRO B 90 -6.99 17.67 -35.17
C PRO B 90 -6.21 18.63 -36.04
N ALA B 91 -6.02 18.31 -37.32
CA ALA B 91 -5.24 19.18 -38.20
C ALA B 91 -5.91 20.52 -38.46
N ILE B 92 -7.21 20.64 -38.20
CA ILE B 92 -7.96 21.84 -38.50
C ILE B 92 -8.39 22.47 -37.18
N GLU B 93 -8.03 23.75 -37.00
CA GLU B 93 -8.45 24.47 -35.82
C GLU B 93 -9.96 24.72 -35.89
N PRO B 94 -10.65 24.76 -34.73
CA PRO B 94 -12.11 24.89 -34.77
C PRO B 94 -12.61 26.08 -35.58
N SER B 95 -11.90 27.22 -35.55
CA SER B 95 -12.32 28.36 -36.34
C SER B 95 -12.32 28.06 -37.84
N GLN B 96 -11.50 27.11 -38.27
CA GLN B 96 -11.46 26.68 -39.66
C GLN B 96 -12.22 25.38 -39.90
N CYS B 97 -12.98 24.93 -38.90
CA CYS B 97 -13.69 23.66 -38.98
C CYS B 97 -15.01 23.82 -39.73
N THR B 98 -14.88 24.13 -41.03
CA THR B 98 -16.02 24.28 -41.91
C THR B 98 -15.69 23.66 -43.25
N GLY B 99 -16.39 22.58 -43.60
CA GLY B 99 -16.16 21.90 -44.85
C GLY B 99 -16.99 20.64 -44.97
N PRO B 100 -16.83 19.93 -46.09
CA PRO B 100 -17.61 18.70 -46.29
C PRO B 100 -17.20 17.63 -45.28
N GLY B 101 -18.22 16.98 -44.70
CA GLY B 101 -17.96 15.93 -43.73
C GLY B 101 -17.17 16.38 -42.53
N LEU B 102 -17.19 17.67 -42.22
CA LEU B 102 -16.39 18.26 -41.15
C LEU B 102 -17.31 18.97 -40.19
N ARG B 103 -17.20 18.65 -38.90
CA ARG B 103 -18.12 19.17 -37.90
C ARG B 103 -17.37 19.40 -36.59
N LEU B 104 -17.94 20.26 -35.74
CA LEU B 104 -17.41 20.48 -34.41
C LEU B 104 -18.05 19.52 -33.41
N ILE B 105 -17.23 19.00 -32.50
CA ILE B 105 -17.69 18.04 -31.50
C ILE B 105 -18.02 18.80 -30.23
N GLN B 106 -19.27 18.72 -29.79
CA GLN B 106 -19.66 19.39 -28.57
C GLN B 106 -19.01 18.71 -27.36
N PRO B 107 -18.41 19.47 -26.44
CA PRO B 107 -17.73 18.84 -25.32
C PRO B 107 -18.70 18.17 -24.36
N ASP B 108 -18.24 17.09 -23.74
CA ASP B 108 -19.00 16.34 -22.75
C ASP B 108 -18.12 16.14 -21.51
N VAL B 109 -18.58 15.29 -20.60
CA VAL B 109 -17.80 15.03 -19.38
C VAL B 109 -16.43 14.50 -19.73
N SER B 110 -16.34 13.65 -20.75
CA SER B 110 -15.06 13.08 -21.14
C SER B 110 -14.05 14.14 -21.56
N CYS B 111 -14.52 15.35 -21.88
CA CYS B 111 -13.60 16.43 -22.20
C CYS B 111 -12.65 16.73 -21.05
N LYS B 112 -13.04 16.43 -19.82
CA LYS B 112 -12.20 16.72 -18.66
C LYS B 112 -11.04 15.75 -18.53
N PHE B 113 -11.14 14.55 -19.10
CA PHE B 113 -10.15 13.50 -18.92
C PHE B 113 -9.44 13.21 -20.24
N ASN B 114 -8.51 12.27 -20.18
CA ASN B 114 -7.62 12.03 -21.31
C ASN B 114 -8.43 11.63 -22.55
N PRO B 115 -8.26 12.32 -23.69
CA PRO B 115 -7.40 13.49 -23.90
C PRO B 115 -8.04 14.76 -23.36
N VAL B 116 -7.34 15.47 -22.50
CA VAL B 116 -7.91 16.62 -21.82
C VAL B 116 -8.16 17.73 -22.83
N ASN B 117 -9.37 18.29 -22.81
CA ASN B 117 -9.70 19.37 -23.73
C ASN B 117 -8.81 20.58 -23.45
N PRO B 118 -8.35 21.28 -24.48
CA PRO B 118 -7.49 22.45 -24.22
C PRO B 118 -8.14 23.49 -23.32
N GLY B 119 -9.46 23.69 -23.43
CA GLY B 119 -10.12 24.63 -22.55
C GLY B 119 -10.03 24.22 -21.09
N TYR B 120 -10.16 22.91 -20.82
CA TYR B 120 -10.04 22.45 -19.45
C TYR B 120 -8.60 22.55 -18.95
N ALA B 121 -7.63 22.39 -19.84
CA ALA B 121 -6.24 22.64 -19.46
C ALA B 121 -6.03 24.11 -19.09
N ALA B 122 -6.63 25.02 -19.86
CA ALA B 122 -6.56 26.43 -19.52
C ALA B 122 -7.20 26.70 -18.15
N CYS B 123 -8.38 26.12 -17.90
CA CYS B 123 -8.88 26.07 -16.53
C CYS B 123 -7.78 25.69 -15.57
N VAL B 124 -7.29 24.46 -15.68
CA VAL B 124 -6.42 23.92 -14.64
C VAL B 124 -5.24 24.84 -14.39
N GLU B 125 -4.72 25.48 -15.44
CA GLU B 125 -3.60 26.40 -15.24
C GLU B 125 -4.04 27.65 -14.47
N GLU B 126 -5.16 28.26 -14.86
CA GLU B 126 -5.63 29.43 -14.13
C GLU B 126 -5.97 29.09 -12.69
N ILE B 127 -6.58 27.93 -12.47
CA ILE B 127 -6.93 27.49 -11.13
C ILE B 127 -5.66 27.18 -10.34
N ARG B 128 -4.59 26.72 -11.00
CA ARG B 128 -3.35 26.50 -10.28
C ARG B 128 -2.75 27.82 -9.81
N LYS B 129 -2.80 28.85 -10.65
CA LYS B 129 -2.36 30.17 -10.20
C LYS B 129 -3.21 30.65 -9.03
N ASP B 130 -4.53 30.50 -9.16
CA ASP B 130 -5.43 30.91 -8.10
C ASP B 130 -5.15 30.17 -6.80
N LEU B 131 -4.85 28.87 -6.90
CA LEU B 131 -4.61 28.06 -5.71
C LEU B 131 -3.25 28.32 -5.10
N ILE B 132 -2.25 28.70 -5.90
CA ILE B 132 -1.00 29.17 -5.34
C ILE B 132 -1.25 30.42 -4.49
N VAL B 133 -1.96 31.39 -5.07
CA VAL B 133 -2.24 32.61 -4.32
C VAL B 133 -3.09 32.30 -3.09
N ALA B 134 -4.05 31.39 -3.23
CA ALA B 134 -4.91 31.05 -2.10
C ALA B 134 -4.14 30.36 -1.00
N THR B 135 -3.23 29.45 -1.36
CA THR B 135 -2.38 28.82 -0.36
C THR B 135 -1.56 29.86 0.39
N VAL B 136 -0.94 30.78 -0.34
CA VAL B 136 -0.12 31.78 0.30
C VAL B 136 -0.96 32.66 1.22
N ALA B 137 -2.13 33.10 0.74
CA ALA B 137 -2.97 33.99 1.53
C ALA B 137 -3.53 33.29 2.76
N ALA B 138 -3.97 32.03 2.62
CA ALA B 138 -4.48 31.29 3.76
C ALA B 138 -3.41 31.06 4.80
N SER B 139 -2.20 30.69 4.36
CA SER B 139 -1.11 30.51 5.30
C SER B 139 -0.79 31.83 6.00
N LEU B 140 -0.74 32.93 5.26
CA LEU B 140 -0.44 34.22 5.86
C LEU B 140 -1.49 34.60 6.89
N ILE B 141 -2.76 34.46 6.55
CA ILE B 141 -3.83 34.86 7.46
C ILE B 141 -3.83 33.97 8.70
N GLY B 142 -3.66 32.66 8.52
CA GLY B 142 -3.62 31.78 9.67
C GLY B 142 -2.44 32.08 10.58
N CYS B 143 -1.27 32.33 9.99
CA CYS B 143 -0.10 32.65 10.80
C CYS B 143 -0.30 33.96 11.57
N VAL B 144 -0.87 34.98 10.91
CA VAL B 144 -1.10 36.24 11.59
C VAL B 144 -2.10 36.07 12.72
N ILE B 145 -3.18 35.32 12.48
CA ILE B 145 -4.19 35.12 13.52
C ILE B 145 -3.58 34.37 14.71
N MET B 146 -2.79 33.32 14.42
CA MET B 146 -2.16 32.58 15.50
C MET B 146 -1.18 33.44 16.28
N GLY B 147 -0.38 34.24 15.58
CA GLY B 147 0.59 35.08 16.26
C GLY B 147 -0.03 36.17 17.10
N LEU B 148 -1.14 36.74 16.63
CA LEU B 148 -1.76 37.84 17.35
C LEU B 148 -2.72 37.37 18.44
N MET B 149 -3.73 36.58 18.06
CA MET B 149 -4.75 36.17 19.01
C MET B 149 -4.22 35.15 20.01
N ALA B 150 -3.49 34.13 19.55
CA ALA B 150 -2.98 33.08 20.42
C ALA B 150 -1.59 33.36 20.96
N ASN B 151 -0.77 34.13 20.24
CA ASN B 151 0.58 34.47 20.68
C ASN B 151 1.42 33.21 20.91
N LEU B 152 1.53 32.42 19.85
CA LEU B 152 2.34 31.22 19.85
C LEU B 152 3.24 31.19 18.62
N PRO B 153 4.41 30.55 18.71
CA PRO B 153 5.34 30.46 17.58
C PRO B 153 5.00 29.33 16.60
N LEU B 154 3.75 29.29 16.17
CA LEU B 154 3.24 28.23 15.31
C LEU B 154 2.94 28.79 13.92
N ALA B 155 3.20 27.99 12.90
CA ALA B 155 2.93 28.35 11.51
C ALA B 155 1.77 27.52 11.01
N LEU B 156 0.80 28.19 10.39
CA LEU B 156 -0.39 27.54 9.85
C LEU B 156 -0.35 27.60 8.33
N ALA B 157 -0.69 26.48 7.70
CA ALA B 157 -0.72 26.41 6.24
C ALA B 157 -1.62 25.25 5.84
N PRO B 158 -2.04 25.20 4.57
CA PRO B 158 -2.94 24.13 4.14
C PRO B 158 -2.42 22.75 4.51
N GLY B 159 -3.29 21.96 5.12
CA GLY B 159 -2.90 20.64 5.60
C GLY B 159 -2.40 19.74 4.50
N MET B 160 -1.16 19.28 4.65
CA MET B 160 -0.58 18.35 3.68
C MET B 160 -1.38 17.06 3.58
N GLY B 161 -1.75 16.49 4.73
CA GLY B 161 -2.51 15.25 4.71
C GLY B 161 -3.89 15.42 4.09
N THR B 162 -4.61 16.47 4.51
CA THR B 162 -5.95 16.71 3.97
C THR B 162 -5.92 17.22 2.54
N ASN B 163 -4.77 17.69 2.06
CA ASN B 163 -4.67 18.19 0.70
C ASN B 163 -5.05 17.11 -0.31
N ALA B 164 -4.39 15.96 -0.21
CA ALA B 164 -4.63 14.88 -1.16
C ALA B 164 -6.02 14.31 -1.01
N TYR B 165 -6.52 14.20 0.23
CA TYR B 165 -7.87 13.72 0.43
C TYR B 165 -8.89 14.64 -0.24
N PHE B 166 -8.71 15.95 -0.09
CA PHE B 166 -9.60 16.91 -0.72
C PHE B 166 -9.53 16.82 -2.23
N ALA B 167 -8.32 16.70 -2.78
CA ALA B 167 -8.15 16.79 -4.22
C ALA B 167 -8.56 15.51 -4.94
N TYR B 168 -8.08 14.36 -4.47
CA TYR B 168 -8.23 13.10 -5.19
C TYR B 168 -9.37 12.22 -4.70
N THR B 169 -9.91 12.47 -3.51
CA THR B 169 -10.97 11.64 -2.95
C THR B 169 -12.29 12.38 -2.85
N VAL B 170 -12.33 13.51 -2.15
CA VAL B 170 -13.57 14.26 -2.02
C VAL B 170 -14.02 14.78 -3.37
N VAL B 171 -13.12 15.44 -4.10
CA VAL B 171 -13.43 16.01 -5.40
C VAL B 171 -13.01 15.07 -6.53
N GLY B 172 -11.87 14.43 -6.40
CA GLY B 172 -11.38 13.55 -7.45
C GLY B 172 -10.59 14.30 -8.50
N PHE B 173 -9.81 13.54 -9.26
CA PHE B 173 -8.99 14.13 -10.31
C PHE B 173 -9.89 14.75 -11.37
N HIS B 174 -9.68 16.05 -11.62
CA HIS B 174 -10.48 16.78 -12.60
C HIS B 174 -11.97 16.66 -12.32
N GLY B 175 -12.32 16.71 -11.03
CA GLY B 175 -13.71 16.66 -10.65
C GLY B 175 -14.40 15.36 -10.98
N SER B 176 -13.71 14.23 -10.79
CA SER B 176 -14.27 12.91 -11.04
C SER B 176 -14.85 12.27 -9.79
N GLY B 177 -14.83 12.99 -8.65
CA GLY B 177 -15.36 12.46 -7.42
C GLY B 177 -16.87 12.66 -7.30
N SER B 178 -17.41 12.25 -6.15
CA SER B 178 -18.83 12.34 -5.91
C SER B 178 -19.26 13.73 -5.44
N ILE B 179 -18.32 14.59 -5.05
CA ILE B 179 -18.62 15.91 -4.53
C ILE B 179 -17.87 16.93 -5.40
N SER B 180 -18.58 17.98 -5.82
CA SER B 180 -17.97 19.01 -6.63
C SER B 180 -16.99 19.84 -5.80
N TYR B 181 -16.15 20.60 -6.49
CA TYR B 181 -15.14 21.40 -5.81
C TYR B 181 -15.78 22.46 -4.91
N ARG B 182 -16.81 23.14 -5.41
CA ARG B 182 -17.49 24.14 -4.60
C ARG B 182 -18.16 23.51 -3.39
N THR B 183 -18.79 22.35 -3.57
CA THR B 183 -19.41 21.66 -2.45
C THR B 183 -18.35 21.19 -1.45
N ALA B 184 -17.18 20.77 -1.94
CA ALA B 184 -16.10 20.40 -1.03
C ALA B 184 -15.61 21.61 -0.25
N LEU B 185 -15.53 22.78 -0.88
CA LEU B 185 -15.17 24.00 -0.17
C LEU B 185 -16.20 24.33 0.90
N ALA B 186 -17.49 24.15 0.58
CA ALA B 186 -18.53 24.36 1.59
C ALA B 186 -18.38 23.37 2.73
N ALA B 187 -18.02 22.13 2.42
CA ALA B 187 -17.78 21.14 3.47
C ALA B 187 -16.64 21.57 4.38
N VAL B 188 -15.55 22.07 3.79
CA VAL B 188 -14.42 22.53 4.60
C VAL B 188 -14.83 23.73 5.44
N PHE B 189 -15.64 24.63 4.88
CA PHE B 189 -16.11 25.80 5.62
C PHE B 189 -16.94 25.38 6.84
N ILE B 190 -17.90 24.48 6.63
CA ILE B 190 -18.73 24.04 7.74
C ILE B 190 -17.92 23.24 8.75
N GLU B 191 -16.95 22.46 8.27
CA GLU B 191 -16.07 21.73 9.19
C GLU B 191 -15.28 22.70 10.07
N GLY B 192 -14.75 23.77 9.47
CA GLY B 192 -14.05 24.76 10.27
C GLY B 192 -14.97 25.43 11.29
N LEU B 193 -16.20 25.73 10.88
CA LEU B 193 -17.15 26.31 11.82
C LEU B 193 -17.45 25.36 12.98
N ILE B 194 -17.65 24.07 12.68
CA ILE B 194 -17.93 23.10 13.72
C ILE B 194 -16.74 22.95 14.64
N PHE B 195 -15.53 22.90 14.07
CA PHE B 195 -14.32 22.81 14.89
C PHE B 195 -14.19 24.00 15.82
N LEU B 196 -14.45 25.21 15.29
CA LEU B 196 -14.41 26.40 16.13
C LEU B 196 -15.42 26.30 17.26
N PHE B 197 -16.64 25.85 16.94
CA PHE B 197 -17.69 25.76 17.95
C PHE B 197 -17.30 24.80 19.06
N ILE B 198 -16.88 23.58 18.68
CA ILE B 198 -16.58 22.57 19.69
C ILE B 198 -15.35 22.97 20.50
N SER B 199 -14.38 23.64 19.87
CA SER B 199 -13.25 24.16 20.64
C SER B 199 -13.70 25.22 21.63
N ALA B 200 -14.61 26.11 21.21
CA ALA B 200 -15.10 27.16 22.09
C ALA B 200 -15.86 26.60 23.29
N ILE B 201 -16.73 25.62 23.09
CA ILE B 201 -17.50 25.05 24.19
C ILE B 201 -16.72 23.97 24.94
N GLY B 202 -15.49 23.67 24.51
CA GLY B 202 -14.67 22.73 25.24
C GLY B 202 -15.03 21.28 25.07
N PHE B 203 -15.78 20.94 24.01
CA PHE B 203 -16.17 19.56 23.75
C PHE B 203 -15.20 18.86 22.79
N ARG B 204 -14.12 19.54 22.40
CA ARG B 204 -13.17 18.94 21.46
C ARG B 204 -12.49 17.71 22.05
N ALA B 205 -12.13 17.78 23.33
CA ALA B 205 -11.44 16.65 23.95
C ALA B 205 -12.31 15.40 23.98
N LYS B 206 -13.61 15.55 24.25
CA LYS B 206 -14.49 14.39 24.27
C LYS B 206 -14.59 13.73 22.90
N LEU B 207 -14.75 14.54 21.85
CA LEU B 207 -14.78 13.97 20.50
C LEU B 207 -13.45 13.32 20.15
N ALA B 208 -12.33 13.91 20.57
CA ALA B 208 -11.04 13.28 20.33
C ALA B 208 -10.97 11.92 21.01
N LYS B 209 -11.46 11.84 22.26
CA LYS B 209 -11.51 10.56 22.96
C LYS B 209 -12.50 9.58 22.34
N LEU B 210 -13.45 10.07 21.52
CA LEU B 210 -14.42 9.17 20.90
C LEU B 210 -13.73 8.17 19.98
N VAL B 211 -12.73 8.61 19.23
CA VAL B 211 -12.09 7.73 18.24
C VAL B 211 -11.32 6.64 18.97
N PRO B 212 -11.30 5.40 18.47
CA PRO B 212 -10.51 4.36 19.11
C PRO B 212 -9.02 4.67 19.02
N LYS B 213 -8.27 4.18 20.02
CA LYS B 213 -6.84 4.43 20.05
C LYS B 213 -6.10 3.87 18.84
N PRO B 214 -6.28 2.59 18.45
CA PRO B 214 -5.54 2.10 17.28
C PRO B 214 -5.84 2.87 16.01
N VAL B 215 -7.11 3.22 15.78
CA VAL B 215 -7.45 3.98 14.58
C VAL B 215 -6.81 5.36 14.64
N ARG B 216 -6.87 6.00 15.80
CA ARG B 216 -6.26 7.32 15.94
C ARG B 216 -4.77 7.27 15.66
N ILE B 217 -4.08 6.26 16.19
CA ILE B 217 -2.63 6.19 16.01
C ILE B 217 -2.28 5.85 14.56
N SER B 218 -3.02 4.94 13.95
CA SER B 218 -2.69 4.44 12.63
C SER B 218 -3.23 5.30 11.48
N SER B 219 -4.10 6.26 11.76
CA SER B 219 -4.59 7.13 10.70
C SER B 219 -3.46 7.93 10.08
N SER B 220 -2.53 8.41 10.91
CA SER B 220 -1.40 9.18 10.38
C SER B 220 -0.54 8.32 9.46
N ALA B 221 -0.27 7.08 9.85
CA ALA B 221 0.52 6.19 9.00
C ALA B 221 -0.22 5.86 7.71
N GLY B 222 -1.53 5.65 7.79
CA GLY B 222 -2.31 5.43 6.59
C GLY B 222 -2.26 6.61 5.64
N ILE B 223 -2.37 7.83 6.18
CA ILE B 223 -2.29 9.02 5.35
C ILE B 223 -0.90 9.16 4.75
N GLY B 224 0.13 8.79 5.51
CA GLY B 224 1.48 8.82 4.96
C GLY B 224 1.65 7.86 3.80
N LEU B 225 1.12 6.64 3.94
CA LEU B 225 1.15 5.69 2.84
C LEU B 225 0.36 6.22 1.64
N PHE B 226 -0.78 6.86 1.91
CA PHE B 226 -1.58 7.46 0.84
C PHE B 226 -0.78 8.52 0.08
N LEU B 227 -0.10 9.39 0.82
CA LEU B 227 0.70 10.44 0.18
C LEU B 227 1.86 9.86 -0.59
N ALA B 228 2.53 8.84 -0.05
CA ALA B 228 3.63 8.21 -0.78
C ALA B 228 3.13 7.55 -2.06
N PHE B 229 1.98 6.88 -1.99
CA PHE B 229 1.41 6.27 -3.19
C PHE B 229 1.09 7.34 -4.23
N ILE B 230 0.54 8.47 -3.79
CA ILE B 230 0.30 9.58 -4.72
C ILE B 230 1.60 10.03 -5.35
N GLY B 231 2.66 10.14 -4.54
CA GLY B 231 3.96 10.55 -5.05
C GLY B 231 4.61 9.53 -5.96
N LEU B 232 4.12 8.30 -5.96
CA LEU B 232 4.62 7.25 -6.84
C LEU B 232 3.73 7.05 -8.07
N GLN B 233 2.77 7.93 -8.31
CA GLN B 233 1.90 7.83 -9.47
C GLN B 233 2.47 8.70 -10.59
N ASN B 234 1.74 8.80 -11.71
CA ASN B 234 2.24 9.49 -12.89
C ASN B 234 1.81 10.96 -12.93
N ASN B 235 0.50 11.21 -12.93
CA ASN B 235 0.01 12.59 -12.96
C ASN B 235 0.19 13.28 -11.61
N GLN B 236 0.71 12.59 -10.61
CA GLN B 236 0.81 13.09 -9.25
C GLN B 236 2.23 13.16 -8.73
N GLY B 237 3.10 12.23 -9.14
CA GLY B 237 4.46 12.19 -8.65
C GLY B 237 5.47 11.78 -9.70
N ILE B 238 6.38 10.87 -9.33
CA ILE B 238 7.50 10.51 -10.20
C ILE B 238 7.22 9.29 -11.06
N GLY B 239 6.02 8.74 -11.01
CA GLY B 239 5.77 7.46 -11.66
C GLY B 239 6.26 6.32 -10.79
N LEU B 240 6.76 5.27 -11.44
CA LEU B 240 7.26 4.03 -10.85
C LEU B 240 6.12 3.12 -10.43
N VAL B 241 4.87 3.56 -10.48
CA VAL B 241 3.71 2.70 -10.25
C VAL B 241 2.73 2.95 -11.38
N GLY B 242 2.40 1.90 -12.11
CA GLY B 242 1.52 2.01 -13.25
C GLY B 242 0.43 0.97 -13.24
N TYR B 243 -0.31 0.87 -14.34
CA TYR B 243 -1.42 -0.08 -14.42
C TYR B 243 -0.90 -1.45 -14.87
N SER B 244 -1.55 -2.50 -14.38
CA SER B 244 -1.24 -3.86 -14.78
C SER B 244 -2.54 -4.63 -14.95
N PRO B 245 -2.76 -5.28 -16.09
CA PRO B 245 -4.04 -6.00 -16.28
C PRO B 245 -4.27 -7.08 -15.25
N SER B 246 -3.23 -7.79 -14.82
CA SER B 246 -3.38 -8.92 -13.91
C SER B 246 -3.26 -8.52 -12.45
N THR B 247 -2.35 -7.59 -12.14
CA THR B 247 -2.05 -7.25 -10.76
C THR B 247 -2.52 -5.87 -10.36
N LEU B 248 -2.93 -5.03 -11.32
CA LEU B 248 -3.49 -3.70 -11.07
C LEU B 248 -2.42 -2.68 -10.67
N VAL B 249 -1.20 -3.14 -10.41
CA VAL B 249 -0.08 -2.24 -10.12
C VAL B 249 1.22 -2.99 -10.38
N THR B 250 2.13 -2.37 -11.12
CA THR B 250 3.47 -2.92 -11.35
C THR B 250 4.45 -1.75 -11.49
N LEU B 251 5.64 -2.06 -12.02
CA LEU B 251 6.71 -1.07 -12.11
C LEU B 251 6.50 -0.19 -13.34
N ALA B 252 6.21 1.08 -13.09
CA ALA B 252 6.11 2.12 -14.11
C ALA B 252 7.46 2.81 -14.27
N ALA B 253 7.45 4.06 -14.74
CA ALA B 253 8.64 4.84 -15.00
C ALA B 253 9.24 4.48 -16.35
N CYS B 254 8.40 4.09 -17.29
CA CYS B 254 8.77 4.10 -18.69
C CYS B 254 8.54 5.49 -19.26
N PRO B 255 9.22 5.85 -20.35
CA PRO B 255 9.03 7.19 -20.91
C PRO B 255 7.59 7.42 -21.31
N ALA B 256 7.17 8.69 -21.25
CA ALA B 256 5.78 9.02 -21.56
C ALA B 256 5.37 8.58 -22.95
N SER B 257 6.32 8.46 -23.87
CA SER B 257 6.01 7.97 -25.21
C SER B 257 5.67 6.49 -25.25
N SER B 258 5.97 5.74 -24.18
CA SER B 258 5.68 4.32 -24.10
C SER B 258 4.58 4.01 -23.09
N ARG B 259 3.70 4.98 -22.83
CA ARG B 259 2.56 4.79 -21.95
C ARG B 259 1.27 4.93 -22.76
N ILE B 260 0.29 4.09 -22.46
CA ILE B 260 -0.98 4.07 -23.17
C ILE B 260 -2.12 4.03 -22.17
N SER B 261 -3.30 4.40 -22.65
CA SER B 261 -4.49 4.49 -21.81
C SER B 261 -5.30 3.19 -21.89
N LEU B 262 -6.27 3.08 -20.98
CA LEU B 262 -7.16 1.92 -20.91
C LEU B 262 -8.59 2.41 -21.08
N ALA B 263 -9.42 1.55 -21.67
CA ALA B 263 -10.84 1.84 -21.83
C ALA B 263 -11.64 0.59 -21.53
N PRO B 264 -12.83 0.73 -20.94
CA PRO B 264 -13.65 -0.45 -20.67
C PRO B 264 -14.08 -1.15 -21.95
N VAL B 265 -14.20 -2.48 -21.86
CA VAL B 265 -14.59 -3.31 -22.98
C VAL B 265 -15.55 -4.39 -22.49
N ILE B 266 -16.16 -5.09 -23.44
CA ILE B 266 -17.10 -6.17 -23.15
C ILE B 266 -16.50 -7.46 -23.69
N THR B 267 -16.29 -8.44 -22.82
CA THR B 267 -15.76 -9.73 -23.21
C THR B 267 -16.92 -10.64 -23.63
N SER B 268 -16.59 -11.86 -24.04
CA SER B 268 -17.59 -12.83 -24.48
C SER B 268 -17.03 -14.22 -24.25
N ALA B 269 -17.74 -15.23 -24.75
CA ALA B 269 -17.36 -16.63 -24.56
C ALA B 269 -16.53 -17.18 -25.71
N ASN B 270 -16.17 -16.35 -26.69
CA ASN B 270 -15.29 -16.74 -27.77
C ASN B 270 -13.99 -15.95 -27.82
N GLY B 271 -14.02 -14.66 -27.47
CA GLY B 271 -12.81 -13.86 -27.44
C GLY B 271 -12.98 -12.45 -27.96
N THR B 272 -14.17 -12.13 -28.49
CA THR B 272 -14.40 -10.79 -29.02
C THR B 272 -14.39 -9.77 -27.88
N VAL B 273 -13.80 -8.61 -28.14
CA VAL B 273 -13.80 -7.50 -27.19
C VAL B 273 -14.01 -6.21 -27.98
N SER B 274 -14.91 -5.36 -27.49
CA SER B 274 -15.21 -4.10 -28.15
C SER B 274 -15.35 -3.00 -27.10
N LEU B 275 -15.14 -1.76 -27.56
CA LEU B 275 -15.18 -0.63 -26.65
C LEU B 275 -16.57 -0.45 -26.06
N LEU B 276 -16.61 0.11 -24.85
CA LEU B 276 -17.86 0.43 -24.18
C LEU B 276 -18.13 1.91 -24.37
N ALA B 277 -19.25 2.24 -25.01
CA ALA B 277 -19.59 3.63 -25.27
C ALA B 277 -19.72 4.40 -23.97
N GLY B 278 -19.13 5.59 -23.94
CA GLY B 278 -19.17 6.42 -22.74
C GLY B 278 -18.17 6.05 -21.68
N GLY B 279 -17.30 5.07 -21.93
CA GLY B 279 -16.36 4.65 -20.91
C GLY B 279 -15.42 5.78 -20.52
N SER B 280 -15.07 5.81 -19.25
CA SER B 280 -14.16 6.83 -18.71
C SER B 280 -12.73 6.39 -19.00
N VAL B 281 -12.17 6.89 -20.10
CA VAL B 281 -10.79 6.56 -20.45
C VAL B 281 -9.85 7.11 -19.39
N SER B 282 -8.75 6.40 -19.17
CA SER B 282 -7.77 6.76 -18.16
C SER B 282 -6.61 7.52 -18.80
N GLY B 283 -5.72 8.01 -17.96
CA GLY B 283 -4.51 8.64 -18.43
C GLY B 283 -3.52 7.60 -18.92
N ASP B 284 -2.37 8.09 -19.39
CA ASP B 284 -1.33 7.20 -19.89
C ASP B 284 -0.64 6.52 -18.72
N ILE B 285 -1.21 5.40 -18.27
CA ILE B 285 -0.75 4.74 -17.04
C ILE B 285 -0.12 3.39 -17.30
N MET B 286 -0.36 2.76 -18.46
CA MET B 286 0.13 1.43 -18.75
C MET B 286 1.41 1.53 -19.57
N CYS B 287 2.49 0.96 -19.06
CA CYS B 287 3.76 0.93 -19.76
C CYS B 287 3.82 -0.28 -20.67
N ILE B 288 4.06 -0.03 -21.96
CA ILE B 288 4.19 -1.13 -22.92
C ILE B 288 5.62 -1.63 -23.04
N HIS B 289 6.60 -0.77 -22.82
CA HIS B 289 8.01 -1.16 -22.84
C HIS B 289 8.82 -0.03 -22.21
N GLY B 290 10.13 -0.25 -22.13
CA GLY B 290 11.02 0.75 -21.59
C GLY B 290 10.82 1.04 -20.12
N ARG B 291 10.58 0.03 -19.31
CA ARG B 291 10.40 0.22 -17.88
C ARG B 291 11.69 0.74 -17.26
N MET B 292 11.53 1.61 -16.25
CA MET B 292 12.66 2.18 -15.52
C MET B 292 13.59 2.97 -16.43
N GLU B 293 13.04 3.61 -17.46
CA GLU B 293 13.83 4.37 -18.41
C GLU B 293 13.37 5.82 -18.58
N SER B 294 12.32 6.24 -17.89
CA SER B 294 11.84 7.60 -18.05
C SER B 294 12.82 8.58 -17.41
N PRO B 295 13.33 9.57 -18.14
CA PRO B 295 14.23 10.53 -17.50
C PRO B 295 13.57 11.31 -16.38
N THR B 296 12.26 11.55 -16.46
CA THR B 296 11.57 12.26 -15.39
C THR B 296 11.59 11.47 -14.10
N PHE B 297 11.43 10.15 -14.16
CA PHE B 297 11.50 9.34 -12.95
C PHE B 297 12.87 9.47 -12.29
N TRP B 298 13.94 9.43 -13.09
CA TRP B 298 15.27 9.52 -12.52
C TRP B 298 15.58 10.91 -11.99
N LEU B 299 15.06 11.95 -12.63
CA LEU B 299 15.18 13.29 -12.07
C LEU B 299 14.46 13.39 -10.73
N GLY B 300 13.26 12.81 -10.66
CA GLY B 300 12.56 12.77 -9.38
C GLY B 300 13.31 11.98 -8.33
N ILE B 301 13.98 10.91 -8.74
CA ILE B 301 14.79 10.12 -7.81
C ILE B 301 15.97 10.94 -7.30
N VAL B 302 16.59 11.73 -8.18
CA VAL B 302 17.67 12.61 -7.74
C VAL B 302 17.15 13.63 -6.73
N GLY B 303 15.98 14.21 -7.01
CA GLY B 303 15.38 15.11 -6.03
C GLY B 303 15.10 14.42 -4.71
N PHE B 304 14.62 13.17 -4.77
CA PHE B 304 14.39 12.38 -3.57
C PHE B 304 15.69 12.20 -2.79
N VAL B 305 16.78 11.92 -3.50
CA VAL B 305 18.06 11.68 -2.84
C VAL B 305 18.55 12.96 -2.17
N ILE B 306 18.39 14.10 -2.86
CA ILE B 306 18.80 15.38 -2.29
C ILE B 306 18.01 15.67 -1.02
N ILE B 307 16.69 15.53 -1.08
CA ILE B 307 15.86 15.78 0.10
C ILE B 307 16.22 14.80 1.22
N ALA B 308 16.55 13.56 0.86
CA ALA B 308 16.85 12.56 1.87
C ALA B 308 18.15 12.87 2.61
N TYR B 309 19.22 13.21 1.90
CA TYR B 309 20.42 13.68 2.60
C TYR B 309 20.14 14.95 3.40
N CYS B 310 19.39 15.89 2.84
CA CYS B 310 19.18 17.13 3.56
C CYS B 310 18.43 16.87 4.86
N LEU B 311 17.47 15.93 4.84
CA LEU B 311 16.80 15.53 6.07
C LEU B 311 17.76 14.82 7.02
N VAL B 312 18.59 13.92 6.48
CA VAL B 312 19.53 13.18 7.31
C VAL B 312 20.54 14.14 7.95
N LYS B 313 21.04 15.09 7.17
CA LYS B 313 22.00 16.07 7.66
C LYS B 313 21.37 17.18 8.48
N ASN B 314 20.07 17.08 8.78
CA ASN B 314 19.36 18.10 9.54
C ASN B 314 19.51 19.47 8.90
N VAL B 315 19.45 19.50 7.57
CA VAL B 315 19.50 20.74 6.80
C VAL B 315 18.08 21.26 6.68
N LYS B 316 17.83 22.46 7.21
CA LYS B 316 16.51 23.06 7.07
C LYS B 316 16.23 23.40 5.61
N GLY B 317 14.99 23.15 5.19
CA GLY B 317 14.64 23.36 3.80
C GLY B 317 15.02 22.23 2.88
N ALA B 318 15.06 21.00 3.38
CA ALA B 318 15.40 19.87 2.54
C ALA B 318 14.46 19.76 1.35
N MET B 319 13.15 19.75 1.63
CA MET B 319 12.18 19.55 0.57
C MET B 319 12.21 20.69 -0.44
N ILE B 320 12.36 21.92 0.04
CA ILE B 320 12.38 23.04 -0.89
C ILE B 320 13.63 22.99 -1.76
N TYR B 321 14.77 22.57 -1.18
CA TYR B 321 15.98 22.43 -1.99
C TYR B 321 15.80 21.38 -3.07
N GLY B 322 15.25 20.22 -2.71
CA GLY B 322 15.03 19.18 -3.72
C GLY B 322 14.06 19.61 -4.80
N ILE B 323 12.96 20.23 -4.40
CA ILE B 323 11.98 20.72 -5.36
C ILE B 323 12.61 21.75 -6.28
N VAL B 324 13.41 22.66 -5.71
CA VAL B 324 14.06 23.69 -6.51
C VAL B 324 15.02 23.07 -7.52
N PHE B 325 15.80 22.07 -7.09
CA PHE B 325 16.73 21.43 -8.02
C PHE B 325 15.98 20.76 -9.17
N VAL B 326 14.94 19.97 -8.84
CA VAL B 326 14.22 19.27 -9.90
C VAL B 326 13.54 20.26 -10.84
N THR B 327 12.92 21.30 -10.27
CA THR B 327 12.24 22.29 -11.10
C THR B 327 13.22 23.06 -11.98
N ALA B 328 14.38 23.42 -11.43
CA ALA B 328 15.37 24.14 -12.23
C ALA B 328 15.86 23.27 -13.38
N VAL B 329 16.08 21.98 -13.13
CA VAL B 329 16.46 21.09 -14.22
C VAL B 329 15.34 20.99 -15.24
N SER B 330 14.08 20.97 -14.79
CA SER B 330 12.95 20.85 -15.70
C SER B 330 12.59 22.15 -16.40
N TRP B 331 13.18 23.27 -16.00
CA TRP B 331 12.86 24.55 -16.62
C TRP B 331 13.51 24.73 -17.98
N PHE B 332 14.45 23.86 -18.36
CA PHE B 332 15.03 23.93 -19.69
C PHE B 332 14.04 23.42 -20.72
N ARG B 333 14.05 24.06 -21.89
CA ARG B 333 12.91 24.05 -22.79
C ARG B 333 12.84 22.85 -23.72
N ASN B 334 13.97 22.26 -24.10
CA ASN B 334 14.01 21.25 -25.15
C ASN B 334 14.67 19.98 -24.64
N THR B 335 14.26 19.53 -23.47
CA THR B 335 14.73 18.28 -22.88
C THR B 335 13.55 17.35 -22.65
N GLU B 336 13.85 16.10 -22.29
CA GLU B 336 12.82 15.11 -22.02
C GLU B 336 12.23 15.26 -20.62
N VAL B 337 12.79 16.13 -19.78
CA VAL B 337 12.25 16.39 -18.45
C VAL B 337 11.72 17.82 -18.36
N THR B 338 11.51 18.47 -19.49
CA THR B 338 11.13 19.87 -19.49
C THR B 338 9.72 20.05 -18.91
N ALA B 339 9.54 21.13 -18.14
CA ALA B 339 8.23 21.50 -17.63
C ALA B 339 7.41 22.28 -18.64
N PHE B 340 8.01 22.67 -19.78
CA PHE B 340 7.34 23.45 -20.82
C PHE B 340 7.53 22.71 -22.15
N PRO B 341 6.74 21.67 -22.40
CA PRO B 341 6.87 20.95 -23.66
C PRO B 341 6.50 21.82 -24.85
N ASN B 342 6.95 21.40 -26.03
CA ASN B 342 6.73 22.16 -27.24
C ASN B 342 5.29 22.02 -27.70
N THR B 343 4.36 22.63 -26.95
CA THR B 343 2.95 22.61 -27.27
C THR B 343 2.37 23.98 -26.93
N SER B 344 1.10 24.19 -27.31
CA SER B 344 0.44 25.45 -27.01
C SER B 344 0.34 25.66 -25.51
N ALA B 345 -0.06 24.62 -24.77
CA ALA B 345 -0.11 24.71 -23.32
C ALA B 345 1.29 24.93 -22.75
N GLY B 346 2.28 24.20 -23.26
CA GLY B 346 3.64 24.41 -22.81
C GLY B 346 4.16 25.79 -23.14
N ASP B 347 3.81 26.30 -24.33
CA ASP B 347 4.22 27.66 -24.69
C ASP B 347 3.61 28.68 -23.76
N ALA B 348 2.32 28.52 -23.43
CA ALA B 348 1.69 29.44 -22.50
C ALA B 348 2.32 29.36 -21.11
N ALA B 349 2.60 28.14 -20.65
CA ALA B 349 3.25 27.98 -19.34
C ALA B 349 4.61 28.65 -19.33
N HIS B 350 5.40 28.47 -20.39
CA HIS B 350 6.71 29.12 -20.45
C HIS B 350 6.57 30.64 -20.50
N ASP B 351 5.61 31.14 -21.26
CA ASP B 351 5.41 32.58 -21.33
C ASP B 351 5.07 33.15 -19.96
N TYR B 352 4.19 32.47 -19.22
CA TYR B 352 3.89 32.91 -17.86
C TYR B 352 5.13 32.84 -16.97
N PHE B 353 5.91 31.76 -17.11
CA PHE B 353 7.11 31.62 -16.28
C PHE B 353 8.15 32.68 -16.58
N LYS B 354 8.16 33.22 -17.81
CA LYS B 354 9.17 34.20 -18.17
C LYS B 354 9.12 35.42 -17.27
N LYS B 355 7.92 35.91 -16.95
CA LYS B 355 7.78 36.98 -15.97
C LYS B 355 8.07 36.39 -14.59
N ILE B 356 9.22 36.73 -14.02
CA ILE B 356 9.65 36.10 -12.78
C ILE B 356 8.66 36.40 -11.67
N VAL B 357 8.13 37.62 -11.64
CA VAL B 357 7.22 38.05 -10.58
C VAL B 357 5.89 38.47 -11.21
N ASP B 358 4.83 38.30 -10.44
CA ASP B 358 3.48 38.65 -10.90
C ASP B 358 2.56 38.72 -9.69
N VAL B 359 1.67 39.71 -9.73
CA VAL B 359 0.66 39.89 -8.68
C VAL B 359 -0.62 39.27 -9.22
N HIS B 360 -0.81 37.99 -8.94
CA HIS B 360 -1.97 37.25 -9.40
C HIS B 360 -3.12 37.42 -8.41
N VAL B 361 -4.31 37.67 -8.96
CA VAL B 361 -5.52 37.90 -8.16
C VAL B 361 -6.43 36.70 -8.33
N ILE B 362 -6.88 36.14 -7.21
CA ILE B 362 -7.78 34.99 -7.23
C ILE B 362 -9.07 35.41 -7.90
N LYS B 363 -9.44 34.74 -8.99
CA LYS B 363 -10.63 35.09 -9.75
C LYS B 363 -11.64 33.95 -9.86
N HIS B 364 -11.26 32.72 -9.50
CA HIS B 364 -12.14 31.58 -9.62
C HIS B 364 -12.43 30.91 -8.28
N THR B 365 -11.39 30.63 -7.48
CA THR B 365 -11.55 29.85 -6.27
C THR B 365 -11.94 30.67 -5.06
N ALA B 366 -11.90 32.00 -5.14
CA ALA B 366 -12.24 32.83 -4.00
C ALA B 366 -13.76 32.95 -3.88
N GLY B 367 -14.27 32.63 -2.69
CA GLY B 367 -15.72 32.68 -2.48
C GLY B 367 -16.50 31.77 -3.37
N ALA B 368 -15.96 30.59 -3.69
CA ALA B 368 -16.60 29.63 -4.57
C ALA B 368 -17.37 28.57 -3.80
N LEU B 369 -17.84 28.89 -2.61
CA LEU B 369 -18.60 27.93 -1.80
C LEU B 369 -19.94 27.64 -2.46
N SER B 370 -20.41 26.40 -2.28
CA SER B 370 -21.71 25.98 -2.78
C SER B 370 -22.30 24.98 -1.78
N PHE B 371 -23.48 25.30 -1.26
CA PHE B 371 -24.16 24.46 -0.28
C PHE B 371 -25.24 23.60 -0.91
N SER B 372 -25.05 23.20 -2.16
CA SER B 372 -26.05 22.38 -2.85
C SER B 372 -26.03 20.93 -2.39
N GLY B 373 -24.85 20.41 -2.03
CA GLY B 373 -24.69 19.02 -1.68
C GLY B 373 -24.81 18.71 -0.20
N ILE B 374 -25.34 19.63 0.61
CA ILE B 374 -25.46 19.37 2.03
C ILE B 374 -26.30 18.13 2.30
N ASN B 375 -27.31 17.88 1.47
CA ASN B 375 -28.17 16.72 1.65
C ASN B 375 -27.52 15.42 1.23
N LYS B 376 -26.47 15.47 0.40
CA LYS B 376 -25.78 14.27 -0.03
C LYS B 376 -25.00 13.65 1.12
N GLY B 377 -24.96 12.31 1.15
CA GLY B 377 -24.19 11.62 2.16
C GLY B 377 -22.70 11.71 1.97
N HIS B 378 -22.25 11.85 0.72
CA HIS B 378 -20.83 12.01 0.47
C HIS B 378 -20.32 13.33 1.02
N PHE B 379 -21.13 14.38 0.94
CA PHE B 379 -20.74 15.65 1.54
C PHE B 379 -20.48 15.49 3.02
N TRP B 380 -21.36 14.79 3.73
CA TRP B 380 -21.18 14.61 5.17
C TRP B 380 -20.04 13.65 5.49
N GLU B 381 -19.81 12.66 4.64
CA GLU B 381 -18.64 11.81 4.82
C GLU B 381 -17.36 12.63 4.75
N ALA B 382 -17.25 13.47 3.72
CA ALA B 382 -16.07 14.33 3.59
C ALA B 382 -15.98 15.31 4.76
N LEU B 383 -17.12 15.87 5.17
CA LEU B 383 -17.12 16.82 6.28
C LEU B 383 -16.63 16.16 7.56
N VAL B 384 -17.12 14.96 7.85
CA VAL B 384 -16.72 14.28 9.08
C VAL B 384 -15.26 13.86 9.02
N THR B 385 -14.79 13.41 7.85
CA THR B 385 -13.39 13.07 7.72
C THR B 385 -12.51 14.28 7.96
N PHE B 386 -12.86 15.42 7.35
CA PHE B 386 -12.11 16.64 7.59
C PHE B 386 -12.14 17.02 9.07
N LEU B 387 -13.32 16.95 9.68
CA LEU B 387 -13.46 17.38 11.07
C LEU B 387 -12.62 16.53 12.00
N TYR B 388 -12.66 15.21 11.83
CA TYR B 388 -11.91 14.36 12.74
C TYR B 388 -10.42 14.38 12.46
N VAL B 389 -10.01 14.46 11.19
CA VAL B 389 -8.60 14.63 10.89
C VAL B 389 -8.09 15.92 11.54
N ASP B 390 -8.84 17.00 11.37
CA ASP B 390 -8.42 18.27 11.97
C ASP B 390 -8.38 18.18 13.49
N ILE B 391 -9.41 17.61 14.11
CA ILE B 391 -9.43 17.48 15.56
C ILE B 391 -8.17 16.75 16.02
N LEU B 392 -8.01 15.50 15.58
CA LEU B 392 -6.91 14.68 16.08
C LEU B 392 -5.56 15.31 15.75
N ASP B 393 -5.35 15.67 14.48
CA ASP B 393 -4.07 16.22 14.07
C ASP B 393 -3.74 17.51 14.78
N THR B 394 -4.67 18.48 14.77
CA THR B 394 -4.39 19.76 15.40
C THR B 394 -4.16 19.61 16.89
N THR B 395 -4.98 18.80 17.57
CA THR B 395 -4.74 18.57 18.99
C THR B 395 -3.34 18.02 19.22
N GLY B 396 -3.00 16.94 18.52
CA GLY B 396 -1.69 16.33 18.72
C GLY B 396 -0.56 17.29 18.43
N THR B 397 -0.63 18.00 17.30
CA THR B 397 0.44 18.88 16.89
C THR B 397 0.57 20.07 17.83
N LEU B 398 -0.55 20.70 18.18
CA LEU B 398 -0.49 21.85 19.08
C LEU B 398 0.07 21.45 20.44
N TYR B 399 -0.36 20.30 20.97
CA TYR B 399 0.17 19.90 22.26
C TYR B 399 1.63 19.48 22.17
N SER B 400 2.03 18.83 21.08
CA SER B 400 3.45 18.51 20.91
C SER B 400 4.28 19.78 20.88
N MET B 401 3.80 20.80 20.17
CA MET B 401 4.53 22.06 20.11
C MET B 401 4.58 22.71 21.49
N ALA B 402 3.49 22.61 22.26
CA ALA B 402 3.49 23.14 23.60
C ALA B 402 4.53 22.45 24.48
N ARG B 403 4.58 21.12 24.44
CA ARG B 403 5.60 20.42 25.21
C ARG B 403 7.00 20.82 24.75
N PHE B 404 7.20 20.92 23.43
CA PHE B 404 8.52 21.23 22.90
C PHE B 404 8.98 22.62 23.32
N ALA B 405 8.07 23.58 23.31
CA ALA B 405 8.40 24.96 23.65
C ALA B 405 8.41 25.21 25.15
N GLY B 406 8.08 24.21 25.97
CA GLY B 406 8.06 24.40 27.41
C GLY B 406 6.97 25.34 27.89
N PHE B 407 5.81 25.33 27.23
CA PHE B 407 4.66 26.10 27.67
C PHE B 407 3.66 25.25 28.44
N VAL B 408 3.96 23.99 28.69
CA VAL B 408 3.02 23.06 29.31
C VAL B 408 3.25 23.03 30.81
N ASP B 409 2.17 23.16 31.57
CA ASP B 409 2.22 23.10 33.02
C ASP B 409 1.90 21.69 33.50
N GLU B 410 1.77 21.54 34.82
CA GLU B 410 1.48 20.22 35.38
C GLU B 410 0.12 19.70 34.92
N LYS B 411 -0.88 20.58 34.86
CA LYS B 411 -2.22 20.16 34.45
C LYS B 411 -2.29 19.79 32.97
N GLY B 412 -1.31 20.21 32.17
CA GLY B 412 -1.31 19.93 30.75
C GLY B 412 -1.79 21.06 29.86
N ASP B 413 -2.05 22.23 30.43
CA ASP B 413 -2.54 23.38 29.68
C ASP B 413 -1.39 24.35 29.42
N PHE B 414 -1.37 24.93 28.22
CA PHE B 414 -0.30 25.85 27.82
C PHE B 414 -0.87 27.23 27.51
N ALA B 415 -1.76 27.70 28.38
CA ALA B 415 -2.20 29.10 28.36
C ALA B 415 -3.01 29.43 27.11
N GLY B 416 -2.34 29.57 25.98
CA GLY B 416 -2.98 30.02 24.76
C GLY B 416 -3.62 28.90 23.95
N GLN B 417 -3.87 27.76 24.58
CA GLN B 417 -4.45 26.64 23.87
C GLN B 417 -5.84 26.98 23.33
N TYR B 418 -6.67 27.63 24.15
CA TYR B 418 -8.03 27.97 23.73
C TYR B 418 -8.00 28.83 22.47
N PHE B 419 -7.26 29.93 22.51
CA PHE B 419 -7.14 30.79 21.35
C PHE B 419 -6.34 30.13 20.24
N ALA B 420 -5.44 29.20 20.57
CA ALA B 420 -4.73 28.47 19.52
C ALA B 420 -5.69 27.66 18.66
N PHE B 421 -6.59 26.91 19.31
CA PHE B 421 -7.55 26.11 18.57
C PHE B 421 -8.57 26.99 17.86
N MET B 422 -8.98 28.09 18.49
CA MET B 422 -9.88 29.02 17.80
C MET B 422 -9.21 29.60 16.56
N SER B 423 -7.92 29.95 16.66
CA SER B 423 -7.18 30.45 15.51
C SER B 423 -7.09 29.40 14.42
N ASP B 424 -6.84 28.15 14.80
CA ASP B 424 -6.79 27.09 13.78
C ASP B 424 -8.12 26.95 13.06
N ALA B 425 -9.23 26.95 13.80
CA ALA B 425 -10.53 26.82 13.17
C ALA B 425 -10.84 28.02 12.27
N SER B 426 -10.52 29.22 12.75
CA SER B 426 -10.74 30.41 11.94
C SER B 426 -9.90 30.36 10.66
N ALA B 427 -8.67 29.90 10.76
CA ALA B 427 -7.83 29.76 9.58
C ALA B 427 -8.42 28.74 8.61
N ILE B 428 -8.99 27.65 9.13
CA ILE B 428 -9.65 26.68 8.26
C ILE B 428 -10.79 27.35 7.50
N VAL B 429 -11.61 28.13 8.21
CA VAL B 429 -12.74 28.79 7.57
C VAL B 429 -12.25 29.77 6.50
N ILE B 430 -11.23 30.56 6.82
CA ILE B 430 -10.72 31.55 5.87
C ILE B 430 -10.15 30.85 4.65
N GLY B 431 -9.39 29.77 4.85
CA GLY B 431 -8.87 29.04 3.71
C GLY B 431 -9.97 28.46 2.84
N SER B 432 -11.01 27.93 3.46
CA SER B 432 -12.15 27.44 2.69
C SER B 432 -12.75 28.56 1.85
N LEU B 433 -12.86 29.76 2.44
CA LEU B 433 -13.35 30.90 1.66
C LEU B 433 -12.43 31.23 0.50
N LEU B 434 -11.11 31.12 0.72
CA LEU B 434 -10.15 31.41 -0.34
C LEU B 434 -10.04 30.29 -1.38
N GLY B 435 -10.55 29.10 -1.08
CA GLY B 435 -10.57 28.02 -2.02
C GLY B 435 -9.48 26.97 -1.85
N THR B 436 -9.12 26.63 -0.62
CA THR B 436 -8.09 25.65 -0.35
C THR B 436 -8.57 24.67 0.71
N SER B 437 -7.94 23.50 0.74
CA SER B 437 -8.25 22.46 1.71
C SER B 437 -7.98 22.98 3.12
N PRO B 438 -8.39 22.26 4.17
CA PRO B 438 -8.24 22.81 5.53
C PRO B 438 -6.79 23.16 5.84
N VAL B 439 -6.60 24.27 6.55
CA VAL B 439 -5.29 24.74 6.95
C VAL B 439 -5.08 24.37 8.42
N THR B 440 -3.90 23.83 8.71
CA THR B 440 -3.59 23.34 10.05
C THR B 440 -2.24 23.90 10.49
N VAL B 441 -1.96 23.74 11.78
CA VAL B 441 -0.66 24.07 12.34
C VAL B 441 0.34 23.01 11.90
N PHE B 442 1.49 23.45 11.40
CA PHE B 442 2.49 22.52 10.88
C PHE B 442 3.44 22.05 11.97
N ILE B 443 3.83 20.77 11.86
CA ILE B 443 4.85 20.20 12.73
C ILE B 443 6.19 20.88 12.48
N GLU B 444 6.38 21.43 11.29
CA GLU B 444 7.60 22.15 10.98
C GLU B 444 7.81 23.35 11.88
N SER B 445 6.75 23.81 12.55
CA SER B 445 6.91 24.88 13.54
C SER B 445 7.91 24.49 14.61
N SER B 446 8.07 23.19 14.86
CA SER B 446 9.07 22.74 15.83
C SER B 446 10.43 23.35 15.52
N THR B 447 10.78 23.41 14.24
CA THR B 447 12.06 24.01 13.86
C THR B 447 12.18 25.40 14.46
N GLY B 448 11.18 26.26 14.24
CA GLY B 448 11.20 27.58 14.84
C GLY B 448 11.26 27.52 16.35
N ILE B 449 10.54 26.58 16.95
CA ILE B 449 10.62 26.41 18.40
C ILE B 449 12.00 25.89 18.79
N ARG B 450 12.58 25.01 17.97
CA ARG B 450 13.92 24.51 18.24
C ARG B 450 14.98 25.59 18.07
N GLU B 451 14.65 26.67 17.36
CA GLU B 451 15.56 27.78 17.14
C GLU B 451 15.42 28.88 18.18
N GLY B 452 14.49 28.74 19.13
CA GLY B 452 14.29 29.72 20.18
C GLY B 452 13.04 30.55 20.05
N GLY B 453 12.22 30.33 19.02
CA GLY B 453 10.99 31.06 18.88
C GLY B 453 10.01 30.71 20.00
N ARG B 454 9.51 31.72 20.70
CA ARG B 454 8.59 31.49 21.81
C ARG B 454 7.32 32.33 21.75
N THR B 455 7.32 33.47 21.07
CA THR B 455 6.17 34.36 21.02
C THR B 455 5.51 34.27 19.65
N GLY B 456 4.49 35.10 19.46
CA GLY B 456 3.80 35.14 18.19
C GLY B 456 4.57 35.82 17.07
N LEU B 457 5.67 36.49 17.40
CA LEU B 457 6.46 37.15 16.36
C LEU B 457 7.03 36.14 15.37
N THR B 458 7.24 34.89 15.80
CA THR B 458 7.65 33.86 14.86
C THR B 458 6.58 33.62 13.82
N ALA B 459 5.32 33.54 14.24
CA ALA B 459 4.23 33.38 13.28
C ALA B 459 4.13 34.59 12.35
N ILE B 460 4.32 35.79 12.87
CA ILE B 460 4.27 36.98 12.03
C ILE B 460 5.41 36.96 11.02
N THR B 461 6.58 36.50 11.44
CA THR B 461 7.71 36.40 10.52
C THR B 461 7.43 35.40 9.41
N VAL B 462 6.86 34.25 9.77
CA VAL B 462 6.50 33.27 8.75
C VAL B 462 5.45 33.85 7.80
N ALA B 463 4.52 34.65 8.34
CA ALA B 463 3.51 35.29 7.51
C ALA B 463 4.14 36.29 6.55
N VAL B 464 5.14 37.03 7.01
CA VAL B 464 5.82 37.98 6.13
C VAL B 464 6.57 37.23 5.03
N TYR B 465 7.20 36.11 5.37
CA TYR B 465 7.86 35.30 4.34
C TYR B 465 6.84 34.78 3.34
N PHE B 466 5.68 34.35 3.81
CA PHE B 466 4.62 33.90 2.89
C PHE B 466 4.16 35.04 1.99
N LEU B 467 4.03 36.25 2.56
CA LEU B 467 3.69 37.40 1.74
C LEU B 467 4.73 37.59 0.64
N LEU B 468 6.00 37.48 0.98
CA LEU B 468 7.05 37.52 -0.04
C LEU B 468 6.91 36.36 -1.02
N ALA B 469 6.30 35.26 -0.60
CA ALA B 469 6.08 34.14 -1.50
C ALA B 469 5.20 34.53 -2.67
N MET B 470 4.18 35.36 -2.41
CA MET B 470 3.49 36.01 -3.51
C MET B 470 4.50 36.82 -4.31
N PHE B 471 4.06 37.30 -5.48
CA PHE B 471 4.93 37.94 -6.45
C PHE B 471 5.87 36.94 -7.09
N PHE B 472 5.68 35.64 -6.84
CA PHE B 472 6.50 34.58 -7.43
C PHE B 472 5.62 33.44 -7.91
N THR B 473 4.33 33.71 -8.12
CA THR B 473 3.45 32.69 -8.66
C THR B 473 3.97 32.10 -9.97
N PRO B 474 4.50 32.89 -10.91
CA PRO B 474 5.02 32.26 -12.14
C PRO B 474 6.10 31.23 -11.88
N LEU B 475 6.97 31.46 -10.90
CA LEU B 475 7.98 30.46 -10.57
C LEU B 475 7.37 29.25 -9.87
N LEU B 476 6.35 29.47 -9.04
CA LEU B 476 5.72 28.38 -8.31
C LEU B 476 4.71 27.60 -9.13
N ALA B 477 4.20 28.17 -10.21
CA ALA B 477 3.23 27.50 -11.06
C ALA B 477 3.88 26.61 -12.11
N SER B 478 5.21 26.63 -12.21
CA SER B 478 5.94 25.86 -13.22
C SER B 478 6.68 24.68 -12.60
N ILE B 479 6.08 24.03 -11.61
CA ILE B 479 6.71 22.95 -10.86
C ILE B 479 6.07 21.65 -11.31
N PRO B 480 6.81 20.73 -11.94
CA PRO B 480 6.20 19.52 -12.51
C PRO B 480 5.86 18.49 -11.44
N ALA B 481 5.20 17.41 -11.89
CA ALA B 481 4.75 16.36 -10.98
C ALA B 481 5.94 15.65 -10.34
N TRP B 482 6.99 15.41 -11.12
CA TRP B 482 8.18 14.73 -10.59
C TRP B 482 8.95 15.61 -9.62
N ALA B 483 8.61 16.90 -9.53
CA ALA B 483 9.11 17.74 -8.46
C ALA B 483 8.27 17.61 -7.19
N VAL B 484 6.95 17.43 -7.34
CA VAL B 484 6.10 17.24 -6.18
C VAL B 484 6.41 15.90 -5.52
N GLY B 485 6.14 14.80 -6.23
CA GLY B 485 6.97 13.61 -6.16
C GLY B 485 7.62 13.29 -4.81
N PRO B 486 8.95 13.37 -4.78
CA PRO B 486 9.70 12.98 -3.58
C PRO B 486 9.23 13.70 -2.34
N PRO B 487 8.87 14.99 -2.43
CA PRO B 487 8.24 15.62 -1.26
C PRO B 487 7.07 14.81 -0.72
N LEU B 488 6.18 14.33 -1.58
CA LEU B 488 5.07 13.49 -1.12
C LEU B 488 5.59 12.21 -0.48
N ILE B 489 6.55 11.55 -1.13
CA ILE B 489 7.02 10.27 -0.62
C ILE B 489 7.65 10.45 0.76
N LEU B 490 8.46 11.49 0.93
CA LEU B 490 9.14 11.71 2.19
C LEU B 490 8.19 12.22 3.28
N VAL B 491 7.16 13.00 2.90
CA VAL B 491 6.14 13.35 3.87
C VAL B 491 5.47 12.09 4.40
N GLY B 492 5.18 11.14 3.51
CA GLY B 492 4.69 9.85 3.95
C GLY B 492 5.66 9.14 4.88
N VAL B 493 6.96 9.21 4.56
CA VAL B 493 7.97 8.59 5.41
C VAL B 493 7.89 9.15 6.82
N MET B 494 7.87 10.48 6.95
CA MET B 494 7.79 11.09 8.28
C MET B 494 6.47 10.76 8.97
N MET B 495 5.36 10.74 8.23
CA MET B 495 4.08 10.36 8.83
C MET B 495 4.10 8.94 9.35
N MET B 496 4.92 8.07 8.77
CA MET B 496 4.95 6.66 9.17
C MET B 496 5.44 6.44 10.59
N LYS B 497 6.08 7.43 11.24
CA LYS B 497 6.74 7.17 12.50
C LYS B 497 5.79 6.82 13.63
N SER B 498 4.48 7.01 13.46
CA SER B 498 3.53 6.75 14.53
C SER B 498 3.21 5.27 14.70
N VAL B 499 3.65 4.40 13.79
CA VAL B 499 3.30 2.99 13.88
C VAL B 499 3.89 2.36 15.12
N THR B 500 4.97 2.91 15.66
CA THR B 500 5.62 2.33 16.83
C THR B 500 4.75 2.35 18.07
N GLU B 501 3.69 3.16 18.09
CA GLU B 501 2.80 3.25 19.24
C GLU B 501 1.70 2.20 19.21
N ILE B 502 1.67 1.36 18.18
CA ILE B 502 0.67 0.30 18.04
C ILE B 502 1.25 -0.97 18.62
N ASP B 503 0.50 -1.61 19.52
CA ASP B 503 0.90 -2.91 20.07
C ASP B 503 0.50 -3.98 19.07
N TRP B 504 1.41 -4.27 18.14
CA TRP B 504 1.15 -5.23 17.08
C TRP B 504 1.01 -6.65 17.60
N GLU B 505 1.40 -6.91 18.85
CA GLU B 505 1.20 -8.24 19.44
C GLU B 505 -0.25 -8.47 19.84
N ASP B 506 -1.04 -7.41 19.99
CA ASP B 506 -2.45 -7.52 20.35
C ASP B 506 -3.28 -7.44 19.08
N MET B 507 -3.86 -8.57 18.68
CA MET B 507 -4.68 -8.57 17.47
C MET B 507 -5.87 -7.63 17.60
N ARG B 508 -6.48 -7.58 18.78
CA ARG B 508 -7.61 -6.70 19.02
C ARG B 508 -7.25 -5.24 18.80
N GLU B 509 -5.96 -4.90 18.87
CA GLU B 509 -5.49 -3.56 18.56
C GLU B 509 -4.74 -3.49 17.24
N ALA B 510 -4.11 -4.60 16.81
CA ALA B 510 -3.34 -4.58 15.58
C ALA B 510 -4.24 -4.58 14.35
N ILE B 511 -5.30 -5.38 14.36
CA ILE B 511 -6.14 -5.56 13.18
C ILE B 511 -6.78 -4.23 12.78
N PRO B 512 -7.43 -3.51 13.69
CA PRO B 512 -7.96 -2.19 13.30
C PRO B 512 -6.88 -1.25 12.79
N ALA B 513 -5.70 -1.25 13.42
CA ALA B 513 -4.62 -0.37 12.99
C ALA B 513 -4.14 -0.76 11.59
N PHE B 514 -3.98 -2.07 11.35
CA PHE B 514 -3.55 -2.51 10.02
C PHE B 514 -4.58 -2.14 8.96
N VAL B 515 -5.86 -2.33 9.26
CA VAL B 515 -6.91 -1.98 8.31
C VAL B 515 -6.86 -0.49 8.01
N THR B 516 -6.71 0.34 9.05
CA THR B 516 -6.64 1.78 8.84
C THR B 516 -5.44 2.15 7.98
N MET B 517 -4.28 1.55 8.26
CA MET B 517 -3.09 1.85 7.47
C MET B 517 -3.27 1.46 6.02
N ILE B 518 -3.81 0.27 5.77
CA ILE B 518 -3.76 -0.31 4.43
C ILE B 518 -4.93 0.11 3.55
N LEU B 519 -6.06 0.50 4.12
CA LEU B 519 -7.20 0.89 3.29
C LEU B 519 -7.03 2.28 2.70
N MET B 520 -6.33 3.18 3.39
CA MET B 520 -6.15 4.53 2.86
C MET B 520 -5.43 4.54 1.53
N PRO B 521 -4.28 3.86 1.36
CA PRO B 521 -3.65 3.86 0.03
C PRO B 521 -4.34 2.94 -0.97
N LEU B 522 -4.90 1.82 -0.52
CA LEU B 522 -5.47 0.86 -1.46
C LEU B 522 -6.83 1.31 -1.97
N THR B 523 -7.80 1.50 -1.07
CA THR B 523 -9.04 2.15 -1.48
C THR B 523 -8.79 3.59 -1.88
N TYR B 524 -7.65 4.14 -1.50
CA TYR B 524 -7.16 5.42 -1.98
C TYR B 524 -7.95 6.57 -1.37
N SER B 525 -8.57 6.32 -0.22
CA SER B 525 -9.43 7.28 0.44
C SER B 525 -9.16 7.25 1.94
N VAL B 526 -8.94 8.43 2.52
CA VAL B 526 -8.75 8.52 3.97
C VAL B 526 -10.04 8.16 4.70
N ALA B 527 -11.18 8.62 4.18
CA ALA B 527 -12.45 8.33 4.83
C ALA B 527 -12.73 6.84 4.86
N TYR B 528 -12.46 6.13 3.76
CA TYR B 528 -12.70 4.69 3.75
C TYR B 528 -11.78 3.98 4.72
N GLY B 529 -10.52 4.42 4.81
CA GLY B 529 -9.63 3.81 5.78
C GLY B 529 -10.10 4.01 7.21
N LEU B 530 -10.53 5.23 7.54
CA LEU B 530 -11.05 5.48 8.88
C LEU B 530 -12.30 4.66 9.14
N ILE B 531 -13.20 4.57 8.17
CA ILE B 531 -14.43 3.81 8.35
C ILE B 531 -14.12 2.34 8.58
N GLY B 532 -13.22 1.78 7.76
CA GLY B 532 -12.86 0.38 7.93
C GLY B 532 -12.19 0.11 9.27
N GLY B 533 -11.27 0.99 9.68
CA GLY B 533 -10.62 0.80 10.96
C GLY B 533 -11.59 0.88 12.12
N ILE B 534 -12.46 1.89 12.12
CA ILE B 534 -13.41 2.04 13.21
C ILE B 534 -14.39 0.87 13.22
N GLY B 535 -14.84 0.43 12.04
CA GLY B 535 -15.76 -0.70 12.00
C GLY B 535 -15.12 -1.98 12.50
N SER B 536 -13.87 -2.24 12.11
CA SER B 536 -13.19 -3.42 12.61
C SER B 536 -12.98 -3.33 14.12
N TYR B 537 -12.62 -2.15 14.63
CA TYR B 537 -12.46 -1.99 16.07
C TYR B 537 -13.76 -2.26 16.80
N VAL B 538 -14.87 -1.71 16.28
CA VAL B 538 -16.16 -1.90 16.94
C VAL B 538 -16.57 -3.35 16.90
N VAL B 539 -16.40 -4.01 15.76
CA VAL B 539 -16.81 -5.41 15.62
C VAL B 539 -15.98 -6.29 16.55
N LEU B 540 -14.67 -6.06 16.61
CA LEU B 540 -13.81 -6.92 17.40
C LEU B 540 -14.02 -6.72 18.90
N HIS B 541 -14.66 -5.63 19.31
CA HIS B 541 -14.92 -5.35 20.71
C HIS B 541 -16.36 -5.60 21.10
N LEU B 542 -17.20 -6.05 20.18
CA LEU B 542 -18.59 -6.33 20.52
C LEU B 542 -18.69 -7.40 21.58
N TRP B 543 -17.89 -8.46 21.46
CA TRP B 543 -17.88 -9.51 22.47
C TRP B 543 -17.47 -8.96 23.83
N ASP B 544 -16.36 -8.22 23.87
CA ASP B 544 -15.88 -7.68 25.13
C ASP B 544 -16.87 -6.69 25.73
N TRP B 545 -17.44 -5.81 24.89
CA TRP B 545 -18.39 -4.83 25.40
C TRP B 545 -19.64 -5.51 25.93
N GLY B 546 -20.14 -6.53 25.23
CA GLY B 546 -21.28 -7.26 25.74
C GLY B 546 -20.99 -7.97 27.04
N GLU B 547 -19.80 -8.59 27.15
CA GLU B 547 -19.43 -9.25 28.39
C GLU B 547 -19.34 -8.27 29.54
N GLU B 548 -18.72 -7.11 29.30
CA GLU B 548 -18.63 -6.09 30.35
C GLU B 548 -20.00 -5.56 30.73
N GLY B 549 -20.89 -5.37 29.76
CA GLY B 549 -22.24 -4.92 30.08
C GLY B 549 -22.98 -5.94 30.93
N LEU B 550 -22.87 -7.22 30.58
CA LEU B 550 -23.52 -8.26 31.38
C LEU B 550 -22.94 -8.31 32.79
N VAL B 551 -21.61 -8.20 32.91
CA VAL B 551 -20.99 -8.20 34.23
C VAL B 551 -21.48 -7.03 35.06
N LYS B 552 -21.55 -5.84 34.45
CA LYS B 552 -22.08 -4.69 35.16
C LYS B 552 -23.51 -4.93 35.59
N LEU B 553 -24.32 -5.54 34.72
CA LEU B 553 -25.67 -5.93 35.10
C LEU B 553 -25.68 -7.03 36.15
N GLY B 554 -24.58 -7.79 36.26
CA GLY B 554 -24.45 -8.82 37.27
C GLY B 554 -24.67 -10.24 36.78
N PHE B 555 -24.93 -10.43 35.49
CA PHE B 555 -25.16 -11.78 34.98
C PHE B 555 -23.89 -12.63 35.09
N LEU B 556 -22.72 -12.00 35.03
CA LEU B 556 -21.46 -12.71 35.09
C LEU B 556 -20.57 -12.10 36.18
N LYS B 557 -19.69 -12.92 36.73
CA LYS B 557 -18.77 -12.48 37.77
C LYS B 557 -17.43 -12.05 37.15
#